data_8ZBQ
#
_entry.id   8ZBQ
#
loop_
_entity.id
_entity.type
_entity.pdbx_description
1 polymer 'Angiotensin-converting enzyme 2'
2 polymer "Spike protein S2'"
#
loop_
_entity_poly.entity_id
_entity_poly.type
_entity_poly.pdbx_seq_one_letter_code
_entity_poly.pdbx_strand_id
1 'polypeptide(L)'
;STIEEQAKTFLDKFNHEAEDLFYQSSLASWNYNTNITEENVQNMNNAGDKWSAFLKEQSTLAQMYPLQEIQNLTVKLQLQ
ALQQNGSSVLSEDKSKRLNTILNTMSTIYSTGKVCNPDNPQECLLLEPGLNEIMANSLDYNERLWAWESWRSEVGKQLRP
LYEEYVVLKNEMARANHYEDYGDYWRGDYEVNGVDGYDYSRGQLIEDVEHTFEEIKPLYEHLHAYVRAKLMNAYPSYISP
IGCLPAHLLGDMWGRFWTNLYSLTVPFGQKPNIDVTDAMVDQAWDAQRIFKEAEKFFVSVGLPNMTQGFWENSMLTDPGN
VQKAVCHPTAWDLGKGDFRILMCTKVTMDDFLTAHHEMGHIQYDMAYAAQPFLLRNGANEGFHEAVGEIMSLSAATPKHL
KSIGLLSPDFQEDNETEINFLLKQALTIVGTLPFTYMLEKWRWMVFKGEIPKDQWMKKWWEMKREIVGVVEPVPHDETYC
DPASLFHVSNDYSFIRYYTRTLYQFQFQEALCQAAKHEGPLHKCDISNSTEAGQKLFNMLRLGKSEPWTLALENVVGAKN
MNVRPLLNYFEPLFTWLKDQNKNSFVGWSTDWSPYAD
;
D
2 'polypeptide(L)'
;CPFHEVFNATRFASVYAWNRTRISNCVADYSVLYNFAPFFAFKCYGVSPTKLNDLCFTNVYADSFVIKGNEVSQIAPGQT
GNIADYNYKLPDDFTGCVIAWNSNKLDSKHSGNYDYWYRSFRKSKLKPFERDISTEIYQAGNKPCKGKGPNCYFPLQSYG
FRPTYGVGHQPYRVVVLSFELL
;
F
#
# COMPACT_ATOMS: atom_id res chain seq x y z
N SER A 1 35.79 -17.36 -10.15
CA SER A 1 34.51 -17.40 -10.84
C SER A 1 33.56 -16.35 -10.28
N THR A 2 32.31 -16.73 -10.06
CA THR A 2 31.32 -15.80 -9.53
C THR A 2 30.18 -16.55 -8.88
N ILE A 3 29.88 -16.20 -7.63
CA ILE A 3 28.81 -16.87 -6.90
C ILE A 3 27.48 -16.82 -7.66
N GLU A 4 26.67 -17.86 -7.52
CA GLU A 4 25.36 -17.84 -8.13
C GLU A 4 24.61 -16.66 -7.57
N GLU A 5 24.91 -16.31 -6.32
CA GLU A 5 24.26 -15.16 -5.69
C GLU A 5 24.61 -13.85 -6.37
N GLN A 6 25.39 -13.91 -7.45
CA GLN A 6 25.71 -12.69 -8.20
C GLN A 6 24.42 -11.99 -8.54
N ALA A 7 23.30 -12.69 -8.40
CA ALA A 7 22.02 -12.05 -8.63
C ALA A 7 22.01 -10.75 -7.86
N LYS A 8 22.81 -10.65 -6.81
CA LYS A 8 22.93 -9.41 -6.08
C LYS A 8 23.26 -8.32 -7.09
N THR A 9 24.40 -8.46 -7.77
CA THR A 9 24.73 -7.49 -8.81
C THR A 9 23.58 -7.33 -9.80
N PHE A 10 22.93 -8.45 -10.16
CA PHE A 10 21.79 -8.37 -11.06
C PHE A 10 20.66 -7.55 -10.45
N LEU A 11 20.38 -7.77 -9.16
CA LEU A 11 19.31 -7.03 -8.50
C LEU A 11 19.69 -5.57 -8.30
N ASP A 12 20.98 -5.28 -8.10
CA ASP A 12 21.41 -3.88 -8.05
C ASP A 12 21.17 -3.20 -9.39
N LYS A 13 21.46 -3.90 -10.49
CA LYS A 13 21.14 -3.36 -11.81
C LYS A 13 19.63 -3.24 -12.00
N PHE A 14 18.89 -4.26 -11.59
CA PHE A 14 17.44 -4.22 -11.75
C PHE A 14 16.81 -3.12 -10.92
N ASN A 15 17.27 -2.95 -9.68
CA ASN A 15 16.62 -2.01 -8.77
C ASN A 15 16.71 -0.58 -9.29
N HIS A 16 17.87 -0.17 -9.80
CA HIS A 16 18.00 1.18 -10.34
C HIS A 16 17.09 1.36 -11.55
N GLU A 17 17.07 0.38 -12.45
CA GLU A 17 16.17 0.46 -13.60
C GLU A 17 14.72 0.36 -13.16
N ALA A 18 14.42 -0.49 -12.18
CA ALA A 18 13.04 -0.59 -11.69
C ALA A 18 12.59 0.70 -11.01
N GLU A 19 13.46 1.32 -10.22
CA GLU A 19 13.09 2.55 -9.53
C GLU A 19 12.80 3.67 -10.53
N ASP A 20 13.61 3.79 -11.57
CA ASP A 20 13.42 4.85 -12.55
C ASP A 20 12.18 4.58 -13.40
N LEU A 21 12.01 3.35 -13.86
CA LEU A 21 10.89 3.05 -14.76
C LEU A 21 9.57 3.02 -14.01
N PHE A 22 9.57 2.54 -12.76
CA PHE A 22 8.35 2.58 -11.97
C PHE A 22 7.94 4.01 -11.66
N TYR A 23 8.91 4.90 -11.43
CA TYR A 23 8.60 6.30 -11.21
C TYR A 23 7.94 6.91 -12.43
N GLN A 24 8.46 6.61 -13.62
CA GLN A 24 7.84 7.08 -14.85
C GLN A 24 6.44 6.51 -15.01
N SER A 25 6.28 5.22 -14.71
CA SER A 25 4.96 4.61 -14.79
C SER A 25 4.00 5.22 -13.78
N SER A 26 4.47 5.46 -12.56
CA SER A 26 3.61 6.01 -11.52
C SER A 26 3.31 7.49 -11.75
N LEU A 27 4.32 8.27 -12.17
CA LEU A 27 4.08 9.68 -12.46
C LEU A 27 3.10 9.85 -13.62
N ALA A 28 3.24 9.03 -14.66
CA ALA A 28 2.26 9.03 -15.74
C ALA A 28 0.89 8.58 -15.21
N SER A 29 0.88 7.59 -14.32
CA SER A 29 -0.37 7.19 -13.69
C SER A 29 -0.90 8.26 -12.75
N TRP A 30 -0.01 9.09 -12.20
CA TRP A 30 -0.46 10.13 -11.28
C TRP A 30 -1.15 11.27 -12.02
N ASN A 31 -0.45 11.89 -12.98
CA ASN A 31 -1.00 13.05 -13.68
C ASN A 31 -2.19 12.68 -14.56
N TYR A 32 -2.46 11.40 -14.78
CA TYR A 32 -3.72 11.01 -15.39
C TYR A 32 -4.83 10.97 -14.36
N ASN A 33 -4.57 10.33 -13.22
CA ASN A 33 -5.59 10.18 -12.19
C ASN A 33 -6.03 11.51 -11.60
N THR A 34 -5.24 12.56 -11.78
CA THR A 34 -5.65 13.90 -11.35
C THR A 34 -6.11 14.77 -12.51
N ASN A 35 -5.63 14.52 -13.73
CA ASN A 35 -5.81 15.42 -14.86
C ASN A 35 -6.19 14.65 -16.12
N ILE A 36 -7.23 13.80 -16.03
CA ILE A 36 -7.61 12.95 -17.15
C ILE A 36 -7.73 13.74 -18.44
N THR A 37 -6.89 13.40 -19.41
CA THR A 37 -7.03 13.83 -20.79
C THR A 37 -6.70 12.63 -21.67
N GLU A 38 -6.97 12.76 -22.97
CA GLU A 38 -6.63 11.67 -23.89
C GLU A 38 -5.11 11.47 -23.93
N GLU A 39 -4.36 12.57 -23.98
CA GLU A 39 -2.90 12.46 -23.96
C GLU A 39 -2.40 11.94 -22.63
N ASN A 40 -3.04 12.30 -21.52
CA ASN A 40 -2.60 11.80 -20.22
C ASN A 40 -2.83 10.30 -20.08
N VAL A 41 -4.00 9.82 -20.52
CA VAL A 41 -4.24 8.38 -20.44
C VAL A 41 -3.35 7.63 -21.42
N GLN A 42 -3.07 8.21 -22.60
CA GLN A 42 -2.15 7.57 -23.52
C GLN A 42 -0.75 7.47 -22.92
N ASN A 43 -0.30 8.53 -22.25
CA ASN A 43 0.99 8.50 -21.57
C ASN A 43 1.01 7.45 -20.47
N MET A 44 -0.08 7.35 -19.70
CA MET A 44 -0.15 6.36 -18.64
C MET A 44 -0.06 4.95 -19.21
N ASN A 45 -0.82 4.67 -20.27
CA ASN A 45 -0.79 3.34 -20.87
C ASN A 45 0.58 3.02 -21.46
N ASN A 46 1.21 4.01 -22.10
CA ASN A 46 2.54 3.78 -22.66
C ASN A 46 3.55 3.46 -21.57
N ALA A 47 3.54 4.24 -20.48
CA ALA A 47 4.47 4.01 -19.39
C ALA A 47 4.21 2.67 -18.72
N GLY A 48 2.93 2.32 -18.53
CA GLY A 48 2.61 1.04 -17.92
C GLY A 48 3.03 -0.14 -18.77
N ASP A 49 2.82 -0.04 -20.09
CA ASP A 49 3.24 -1.11 -20.99
C ASP A 49 4.76 -1.24 -21.00
N LYS A 50 5.48 -0.12 -21.01
CA LYS A 50 6.93 -0.17 -20.94
C LYS A 50 7.39 -0.82 -19.64
N TRP A 51 6.76 -0.46 -18.53
CA TRP A 51 7.13 -1.02 -17.23
C TRP A 51 6.83 -2.51 -17.16
N SER A 52 5.69 -2.94 -17.70
CA SER A 52 5.36 -4.35 -17.72
C SER A 52 6.34 -5.14 -18.59
N ALA A 53 6.71 -4.59 -19.75
CA ALA A 53 7.70 -5.25 -20.58
C ALA A 53 9.05 -5.34 -19.87
N PHE A 54 9.41 -4.29 -19.14
CA PHE A 54 10.66 -4.32 -18.37
C PHE A 54 10.62 -5.40 -17.31
N LEU A 55 9.49 -5.55 -16.60
CA LEU A 55 9.35 -6.63 -15.64
C LEU A 55 9.44 -7.99 -16.33
N LYS A 56 8.83 -8.14 -17.50
CA LYS A 56 8.88 -9.41 -18.20
C LYS A 56 10.32 -9.78 -18.57
N GLU A 57 11.07 -8.83 -19.13
CA GLU A 57 12.44 -9.14 -19.54
C GLU A 57 13.33 -9.37 -18.32
N GLN A 58 13.13 -8.61 -17.24
CA GLN A 58 13.91 -8.84 -16.03
C GLN A 58 13.56 -10.17 -15.39
N SER A 59 12.32 -10.63 -15.52
CA SER A 59 11.97 -11.96 -15.03
C SER A 59 12.66 -13.04 -15.86
N THR A 60 12.69 -12.87 -17.18
CA THR A 60 13.43 -13.81 -18.03
C THR A 60 14.90 -13.84 -17.66
N LEU A 61 15.48 -12.67 -17.35
CA LEU A 61 16.88 -12.64 -16.91
C LEU A 61 17.06 -13.29 -15.55
N ALA A 62 16.10 -13.07 -14.63
CA ALA A 62 16.22 -13.62 -13.29
C ALA A 62 15.96 -15.11 -13.27
N GLN A 63 15.44 -15.67 -14.36
CA GLN A 63 15.31 -17.12 -14.48
C GLN A 63 16.66 -17.81 -14.32
N MET A 64 17.74 -17.08 -14.60
CA MET A 64 19.09 -17.63 -14.56
C MET A 64 19.62 -17.89 -13.15
N TYR A 65 19.07 -17.22 -12.14
CA TYR A 65 19.59 -17.38 -10.79
C TYR A 65 18.66 -18.27 -9.96
N PRO A 66 19.08 -19.49 -9.62
CA PRO A 66 18.22 -20.38 -8.84
C PRO A 66 18.21 -19.98 -7.37
N LEU A 67 17.02 -19.99 -6.77
CA LEU A 67 16.89 -19.65 -5.35
C LEU A 67 17.60 -20.67 -4.46
N GLN A 68 17.84 -21.87 -4.97
CA GLN A 68 18.48 -22.93 -4.20
C GLN A 68 19.86 -22.52 -3.71
N GLU A 69 20.59 -21.78 -4.54
CA GLU A 69 21.94 -21.34 -4.21
C GLU A 69 21.98 -19.95 -3.59
N ILE A 70 20.84 -19.32 -3.34
CA ILE A 70 20.80 -17.99 -2.76
C ILE A 70 20.47 -18.11 -1.27
N GLN A 71 21.28 -17.47 -0.43
CA GLN A 71 21.02 -17.40 1.00
C GLN A 71 21.44 -16.00 1.51
N ASN A 72 20.48 -15.09 1.53
CA ASN A 72 20.69 -13.76 2.10
C ASN A 72 19.45 -13.21 2.80
N LEU A 73 18.32 -13.91 2.72
CA LEU A 73 17.08 -13.57 3.42
C LEU A 73 16.42 -12.34 2.81
N THR A 74 17.11 -11.67 1.90
CA THR A 74 16.54 -10.54 1.17
C THR A 74 16.74 -10.66 -0.34
N VAL A 75 17.90 -11.14 -0.78
CA VAL A 75 18.15 -11.32 -2.21
C VAL A 75 17.24 -12.41 -2.77
N LYS A 76 17.03 -13.47 -1.98
CA LYS A 76 16.15 -14.54 -2.41
C LYS A 76 14.72 -14.05 -2.62
N LEU A 77 14.23 -13.17 -1.73
CA LEU A 77 12.87 -12.66 -1.87
C LEU A 77 12.72 -11.84 -3.15
N GLN A 78 13.70 -10.99 -3.45
CA GLN A 78 13.62 -10.21 -4.68
C GLN A 78 13.70 -11.10 -5.91
N LEU A 79 14.58 -12.11 -5.88
CA LEU A 79 14.64 -13.04 -7.00
C LEU A 79 13.33 -13.79 -7.17
N GLN A 80 12.70 -14.18 -6.06
CA GLN A 80 11.41 -14.86 -6.12
C GLN A 80 10.34 -13.94 -6.72
N ALA A 81 10.33 -12.68 -6.30
CA ALA A 81 9.37 -11.72 -6.83
C ALA A 81 9.56 -11.51 -8.32
N LEU A 82 10.81 -11.48 -8.78
CA LEU A 82 11.06 -11.33 -10.21
C LEU A 82 10.67 -12.58 -10.99
N GLN A 83 11.27 -13.73 -10.67
CA GLN A 83 11.06 -14.95 -11.42
C GLN A 83 9.83 -15.73 -10.96
N GLN A 84 8.88 -15.07 -10.29
CA GLN A 84 7.62 -15.72 -10.00
C GLN A 84 6.96 -16.23 -11.27
N ASN A 85 7.09 -15.46 -12.36
CA ASN A 85 6.72 -15.91 -13.70
C ASN A 85 5.24 -16.29 -13.78
N GLY A 86 4.39 -15.41 -13.25
CA GLY A 86 2.97 -15.63 -13.24
C GLY A 86 2.31 -15.02 -14.46
N SER A 87 1.40 -15.79 -15.08
CA SER A 87 0.63 -15.45 -16.27
C SER A 87 1.49 -15.37 -17.52
N SER A 88 2.81 -15.53 -17.41
CA SER A 88 3.68 -15.59 -18.58
C SER A 88 4.13 -17.00 -18.92
N VAL A 89 4.00 -17.92 -17.98
CA VAL A 89 4.31 -19.31 -18.26
C VAL A 89 3.13 -19.93 -18.99
N LEU A 90 1.95 -19.35 -18.79
CA LEU A 90 0.75 -19.84 -19.47
C LEU A 90 0.90 -19.77 -20.98
N SER A 91 0.25 -20.67 -21.70
CA SER A 91 0.37 -20.70 -23.15
C SER A 91 -0.19 -19.42 -23.79
N GLU A 92 0.36 -19.05 -24.94
CA GLU A 92 -0.11 -17.80 -25.66
C GLU A 92 -1.59 -17.49 -25.74
N ASP A 93 -2.41 -18.33 -26.31
CA ASP A 93 -3.79 -18.04 -26.25
C ASP A 93 -4.45 -18.60 -25.09
N LYS A 94 -3.77 -18.64 -23.95
CA LYS A 94 -4.38 -19.12 -22.72
C LYS A 94 -4.40 -17.97 -21.76
N SER A 95 -3.23 -17.41 -21.46
CA SER A 95 -3.18 -16.24 -20.61
C SER A 95 -3.94 -15.14 -21.32
N LYS A 96 -3.78 -15.05 -22.64
CA LYS A 96 -4.51 -14.06 -23.43
C LYS A 96 -5.99 -14.40 -23.43
N ARG A 97 -6.31 -15.68 -23.56
CA ARG A 97 -7.71 -16.08 -23.51
C ARG A 97 -8.27 -15.59 -22.20
N LEU A 98 -7.55 -15.85 -21.11
CA LEU A 98 -7.98 -15.38 -19.81
C LEU A 98 -7.98 -13.86 -19.80
N ASN A 99 -6.96 -13.27 -20.40
CA ASN A 99 -6.89 -11.81 -20.47
C ASN A 99 -8.20 -11.26 -20.99
N THR A 100 -8.64 -11.73 -22.16
CA THR A 100 -9.93 -11.29 -22.67
C THR A 100 -11.07 -11.68 -21.75
N ILE A 101 -10.98 -12.83 -21.09
CA ILE A 101 -11.99 -13.22 -20.11
C ILE A 101 -11.99 -12.23 -18.95
N LEU A 102 -10.81 -11.85 -18.47
CA LEU A 102 -10.71 -10.88 -17.39
C LEU A 102 -11.29 -9.54 -17.81
N ASN A 103 -10.96 -9.08 -19.03
CA ASN A 103 -11.50 -7.82 -19.51
C ASN A 103 -13.00 -7.88 -19.68
N THR A 104 -13.53 -9.00 -20.19
CA THR A 104 -14.97 -9.14 -20.36
C THR A 104 -15.69 -9.13 -19.03
N MET A 105 -15.13 -9.82 -18.02
CA MET A 105 -15.73 -9.79 -16.70
C MET A 105 -15.69 -8.38 -16.11
N SER A 106 -14.57 -7.67 -16.28
CA SER A 106 -14.46 -6.31 -15.78
C SER A 106 -15.49 -5.39 -16.43
N THR A 107 -15.66 -5.50 -17.74
CA THR A 107 -16.62 -4.63 -18.44
C THR A 107 -18.07 -5.02 -18.19
N ILE A 108 -18.35 -6.30 -17.94
CA ILE A 108 -19.70 -6.67 -17.56
C ILE A 108 -20.04 -6.18 -16.17
N TYR A 109 -19.07 -6.25 -15.24
CA TYR A 109 -19.31 -5.75 -13.90
C TYR A 109 -19.46 -4.22 -13.90
N SER A 110 -18.56 -3.52 -14.59
CA SER A 110 -18.63 -2.06 -14.60
C SER A 110 -19.80 -1.55 -15.44
N THR A 111 -19.99 -2.12 -16.62
CA THR A 111 -21.05 -1.71 -17.54
C THR A 111 -22.09 -2.83 -17.59
N GLY A 112 -23.05 -2.77 -16.67
CA GLY A 112 -24.13 -3.74 -16.63
C GLY A 112 -25.43 -3.09 -16.18
N LYS A 113 -26.48 -3.22 -16.97
CA LYS A 113 -27.72 -2.53 -16.73
C LYS A 113 -28.74 -3.47 -16.10
N VAL A 114 -29.55 -2.89 -15.20
CA VAL A 114 -30.64 -3.59 -14.53
C VAL A 114 -31.81 -2.61 -14.44
N CYS A 115 -32.99 -3.03 -14.87
CA CYS A 115 -34.14 -2.12 -14.88
C CYS A 115 -35.48 -2.81 -14.79
N ASN A 116 -36.45 -2.02 -14.33
CA ASN A 116 -37.70 -2.54 -13.81
C ASN A 116 -38.58 -3.07 -14.93
N PRO A 117 -39.52 -3.97 -14.63
CA PRO A 117 -40.49 -4.39 -15.66
C PRO A 117 -41.32 -3.25 -16.22
N ASP A 118 -41.70 -2.28 -15.37
CA ASP A 118 -42.64 -1.25 -15.82
C ASP A 118 -41.97 -0.28 -16.79
N ASN A 119 -40.69 0.03 -16.57
CA ASN A 119 -39.95 0.98 -17.40
C ASN A 119 -38.66 0.31 -17.87
N PRO A 120 -38.74 -0.53 -18.92
CA PRO A 120 -37.54 -1.22 -19.41
C PRO A 120 -36.51 -0.31 -20.04
N GLN A 121 -36.71 1.00 -20.05
CA GLN A 121 -35.76 1.94 -20.60
C GLN A 121 -35.05 2.77 -19.54
N GLU A 122 -35.48 2.69 -18.29
CA GLU A 122 -34.82 3.38 -17.18
C GLU A 122 -33.94 2.37 -16.46
N CYS A 123 -32.76 2.11 -17.02
CA CYS A 123 -31.90 1.05 -16.55
C CYS A 123 -30.68 1.63 -15.84
N LEU A 124 -30.30 1.00 -14.73
CA LEU A 124 -29.19 1.56 -13.95
C LEU A 124 -28.18 0.51 -13.57
N LEU A 125 -26.91 0.90 -13.57
CA LEU A 125 -25.86 -0.03 -13.19
C LEU A 125 -25.71 -0.03 -11.69
N LEU A 126 -25.10 -1.09 -11.18
CA LEU A 126 -24.89 -1.20 -9.75
C LEU A 126 -24.11 0.00 -9.20
N GLU A 127 -23.35 0.67 -10.05
CA GLU A 127 -22.68 1.88 -9.57
C GLU A 127 -23.70 3.02 -9.30
N PRO A 128 -24.47 3.45 -10.32
CA PRO A 128 -25.48 4.47 -10.07
C PRO A 128 -26.87 3.92 -9.83
N GLY A 129 -27.51 4.31 -8.74
CA GLY A 129 -28.86 3.86 -8.48
C GLY A 129 -28.89 2.52 -7.79
N LEU A 130 -28.62 1.45 -8.53
CA LEU A 130 -28.57 0.13 -7.92
C LEU A 130 -27.84 0.23 -6.60
N ASN A 131 -26.63 0.80 -6.61
CA ASN A 131 -25.94 1.00 -5.35
C ASN A 131 -26.86 1.73 -4.37
N GLU A 132 -27.21 2.97 -4.71
CA GLU A 132 -28.10 3.74 -3.83
C GLU A 132 -29.31 2.92 -3.37
N ILE A 133 -30.01 2.27 -4.28
CA ILE A 133 -31.20 1.47 -3.97
C ILE A 133 -30.93 0.55 -2.79
N MET A 134 -29.75 -0.09 -2.78
CA MET A 134 -29.44 -1.01 -1.69
C MET A 134 -29.08 -0.26 -0.41
N ALA A 135 -28.63 0.97 -0.53
CA ALA A 135 -28.24 1.75 0.65
C ALA A 135 -29.37 2.61 1.16
N ASN A 136 -30.24 3.08 0.26
CA ASN A 136 -31.32 3.97 0.67
C ASN A 136 -32.71 3.35 0.67
N SER A 137 -33.06 2.62 -0.39
CA SER A 137 -34.42 2.08 -0.49
C SER A 137 -34.89 1.43 0.81
N LEU A 138 -34.07 0.56 1.38
CA LEU A 138 -34.45 -0.14 2.60
C LEU A 138 -35.82 -0.77 2.46
N ASP A 139 -36.16 -1.23 1.26
CA ASP A 139 -37.44 -1.86 1.02
C ASP A 139 -37.26 -3.36 1.06
N TYR A 140 -38.29 -4.11 0.71
CA TYR A 140 -38.12 -5.55 0.62
C TYR A 140 -38.37 -5.89 -0.82
N ASN A 141 -39.23 -5.11 -1.46
CA ASN A 141 -39.53 -5.32 -2.87
C ASN A 141 -38.48 -4.62 -3.71
N GLU A 142 -38.48 -3.29 -3.69
CA GLU A 142 -37.44 -2.58 -4.42
C GLU A 142 -36.04 -3.10 -4.13
N ARG A 143 -35.86 -3.79 -3.00
CA ARG A 143 -34.56 -4.40 -2.69
C ARG A 143 -34.44 -5.83 -3.17
N LEU A 144 -35.53 -6.60 -3.15
CA LEU A 144 -35.50 -7.93 -3.78
C LEU A 144 -35.30 -7.78 -5.28
N TRP A 145 -35.99 -6.83 -5.89
CA TRP A 145 -35.56 -6.34 -7.19
C TRP A 145 -34.24 -5.58 -7.04
N ALA A 146 -33.46 -5.55 -8.12
CA ALA A 146 -32.13 -4.97 -8.18
C ALA A 146 -31.14 -5.84 -7.44
N TRP A 147 -31.62 -6.89 -6.78
CA TRP A 147 -30.75 -7.93 -6.24
C TRP A 147 -30.78 -9.19 -7.10
N GLU A 148 -31.97 -9.79 -7.28
CA GLU A 148 -32.08 -10.93 -8.18
C GLU A 148 -31.79 -10.51 -9.61
N SER A 149 -32.27 -9.34 -10.02
CA SER A 149 -32.02 -8.88 -11.37
C SER A 149 -30.57 -8.45 -11.57
N TRP A 150 -29.84 -8.16 -10.48
CA TRP A 150 -28.41 -7.98 -10.63
C TRP A 150 -27.69 -9.31 -10.77
N ARG A 151 -28.21 -10.36 -10.13
CA ARG A 151 -27.60 -11.69 -10.26
C ARG A 151 -28.03 -12.38 -11.56
N SER A 152 -29.08 -11.89 -12.21
CA SER A 152 -29.62 -12.62 -13.36
C SER A 152 -29.18 -12.03 -14.70
N GLU A 153 -29.25 -10.71 -14.86
CA GLU A 153 -28.81 -10.12 -16.13
C GLU A 153 -27.30 -9.87 -16.14
N VAL A 154 -26.64 -9.99 -15.01
CA VAL A 154 -25.19 -9.80 -14.92
C VAL A 154 -24.49 -11.07 -14.43
N GLY A 155 -24.98 -11.67 -13.35
CA GLY A 155 -24.35 -12.87 -12.84
C GLY A 155 -24.42 -14.04 -13.79
N LYS A 156 -25.55 -14.19 -14.49
CA LYS A 156 -25.70 -15.29 -15.43
C LYS A 156 -24.71 -15.19 -16.57
N GLN A 157 -24.48 -13.98 -17.10
CA GLN A 157 -23.49 -13.82 -18.15
C GLN A 157 -22.07 -13.81 -17.62
N LEU A 158 -21.87 -13.54 -16.33
CA LEU A 158 -20.55 -13.71 -15.73
C LEU A 158 -20.24 -15.18 -15.45
N ARG A 159 -21.26 -16.03 -15.40
CA ARG A 159 -21.03 -17.44 -15.05
C ARG A 159 -20.11 -18.16 -16.02
N PRO A 160 -20.33 -18.15 -17.35
CA PRO A 160 -19.39 -18.89 -18.22
C PRO A 160 -17.99 -18.31 -18.20
N LEU A 161 -17.89 -16.97 -18.11
CA LEU A 161 -16.59 -16.34 -18.04
C LEU A 161 -15.85 -16.76 -16.78
N TYR A 162 -16.56 -16.88 -15.65
CA TYR A 162 -15.92 -17.34 -14.43
C TYR A 162 -15.58 -18.81 -14.49
N GLU A 163 -16.40 -19.62 -15.15
CA GLU A 163 -16.08 -21.04 -15.28
C GLU A 163 -14.82 -21.25 -16.09
N GLU A 164 -14.62 -20.47 -17.16
CA GLU A 164 -13.36 -20.56 -17.89
C GLU A 164 -12.21 -19.89 -17.15
N TYR A 165 -12.50 -18.82 -16.39
CA TYR A 165 -11.48 -18.14 -15.61
C TYR A 165 -10.88 -19.06 -14.55
N VAL A 166 -11.73 -19.82 -13.87
CA VAL A 166 -11.24 -20.70 -12.81
C VAL A 166 -10.27 -21.73 -13.36
N VAL A 167 -10.64 -22.38 -14.47
CA VAL A 167 -9.76 -23.40 -15.03
C VAL A 167 -8.48 -22.78 -15.60
N LEU A 168 -8.60 -21.67 -16.33
CA LEU A 168 -7.42 -21.05 -16.92
C LEU A 168 -6.44 -20.60 -15.84
N LYS A 169 -6.95 -19.98 -14.77
CA LYS A 169 -6.12 -19.65 -13.64
C LYS A 169 -5.56 -20.90 -12.98
N ASN A 170 -6.29 -22.02 -13.07
CA ASN A 170 -5.77 -23.26 -12.51
C ASN A 170 -4.51 -23.72 -13.23
N GLU A 171 -4.51 -23.73 -14.57
CA GLU A 171 -3.24 -24.13 -15.21
C GLU A 171 -2.19 -23.02 -15.06
N MET A 172 -2.61 -21.76 -14.98
CA MET A 172 -1.65 -20.69 -14.78
C MET A 172 -0.91 -20.87 -13.46
N ALA A 173 -1.62 -21.27 -12.41
CA ALA A 173 -0.99 -21.49 -11.11
C ALA A 173 -0.22 -22.81 -11.09
N ARG A 174 -0.75 -23.87 -11.71
CA ARG A 174 -0.06 -25.15 -11.68
C ARG A 174 1.26 -25.10 -12.46
N ALA A 175 1.29 -24.33 -13.55
CA ALA A 175 2.56 -24.11 -14.24
C ALA A 175 3.54 -23.27 -13.43
N ASN A 176 3.07 -22.62 -12.38
CA ASN A 176 3.92 -21.91 -11.43
C ASN A 176 4.24 -22.77 -10.20
N HIS A 177 4.16 -24.09 -10.35
CA HIS A 177 4.48 -25.04 -9.27
C HIS A 177 3.58 -24.82 -8.05
N TYR A 178 2.32 -24.50 -8.33
CA TYR A 178 1.26 -24.43 -7.32
C TYR A 178 0.30 -25.59 -7.55
N GLU A 179 -0.78 -25.62 -6.77
CA GLU A 179 -1.81 -26.65 -6.93
C GLU A 179 -3.13 -26.10 -7.43
N ASP A 180 -3.44 -24.84 -7.18
CA ASP A 180 -4.59 -24.16 -7.77
C ASP A 180 -4.32 -22.66 -7.71
N TYR A 181 -5.25 -21.89 -8.25
CA TYR A 181 -5.11 -20.44 -8.17
C TYR A 181 -5.39 -19.90 -6.77
N GLY A 182 -6.16 -20.64 -5.97
CA GLY A 182 -6.25 -20.30 -4.56
C GLY A 182 -4.92 -20.41 -3.86
N ASP A 183 -4.14 -21.43 -4.20
CA ASP A 183 -2.79 -21.55 -3.63
C ASP A 183 -1.89 -20.43 -4.14
N TYR A 184 -2.07 -20.03 -5.40
CA TYR A 184 -1.32 -18.88 -5.91
C TYR A 184 -1.64 -17.63 -5.12
N TRP A 185 -2.93 -17.41 -4.80
CA TRP A 185 -3.33 -16.26 -4.01
C TRP A 185 -2.77 -16.34 -2.59
N ARG A 186 -2.80 -17.52 -1.99
CA ARG A 186 -2.25 -17.69 -0.65
C ARG A 186 -0.73 -17.60 -0.63
N GLY A 187 -0.08 -17.73 -1.79
CA GLY A 187 1.37 -17.64 -1.86
C GLY A 187 1.94 -16.31 -1.43
N ASP A 188 1.11 -15.26 -1.38
CA ASP A 188 1.57 -14.00 -0.79
C ASP A 188 1.82 -14.16 0.70
N TYR A 189 1.13 -15.10 1.34
CA TYR A 189 1.30 -15.37 2.76
C TYR A 189 2.35 -16.45 3.03
N GLU A 190 2.94 -17.04 1.98
CA GLU A 190 3.99 -18.03 2.17
C GLU A 190 5.23 -17.37 2.76
N VAL A 191 5.83 -18.05 3.75
CA VAL A 191 6.88 -17.45 4.57
C VAL A 191 8.09 -18.35 4.72
N ASN A 192 8.04 -19.58 4.19
CA ASN A 192 9.11 -20.55 4.37
C ASN A 192 10.47 -19.98 3.97
N GLY A 193 11.53 -20.59 4.47
CA GLY A 193 12.86 -20.06 4.21
C GLY A 193 13.30 -19.26 5.42
N VAL A 194 12.41 -19.11 6.39
CA VAL A 194 12.73 -18.35 7.59
C VAL A 194 12.61 -19.21 8.84
N ASP A 195 13.73 -19.48 9.49
CA ASP A 195 13.69 -20.28 10.71
C ASP A 195 12.61 -19.77 11.64
N GLY A 196 11.77 -20.66 12.12
CA GLY A 196 10.75 -20.26 13.09
C GLY A 196 9.52 -19.70 12.41
N TYR A 197 9.74 -18.72 11.53
CA TYR A 197 8.68 -18.12 10.73
C TYR A 197 8.53 -18.95 9.46
N ASP A 198 7.63 -19.92 9.50
CA ASP A 198 7.45 -20.88 8.41
C ASP A 198 5.98 -20.99 8.02
N TYR A 199 5.34 -19.84 7.83
CA TYR A 199 3.93 -19.82 7.45
C TYR A 199 3.76 -20.43 6.06
N SER A 200 3.08 -21.58 6.00
CA SER A 200 2.81 -22.23 4.73
C SER A 200 1.55 -21.63 4.09
N ARG A 201 1.25 -22.08 2.88
CA ARG A 201 0.09 -21.55 2.16
C ARG A 201 -1.21 -22.10 2.73
N GLY A 202 -1.26 -23.41 2.98
CA GLY A 202 -2.44 -24.00 3.61
C GLY A 202 -2.63 -23.57 5.06
N GLN A 203 -1.55 -23.12 5.72
CA GLN A 203 -1.69 -22.59 7.06
C GLN A 203 -2.58 -21.35 7.08
N LEU A 204 -2.63 -20.62 5.97
CA LEU A 204 -3.55 -19.48 5.89
C LEU A 204 -5.00 -19.95 6.01
N ILE A 205 -5.36 -21.01 5.29
CA ILE A 205 -6.70 -21.58 5.41
C ILE A 205 -6.94 -22.07 6.83
N GLU A 206 -5.94 -22.77 7.37
CA GLU A 206 -6.06 -23.33 8.72
C GLU A 206 -6.38 -22.23 9.73
N ASP A 207 -5.61 -21.13 9.68
CA ASP A 207 -5.78 -20.06 10.66
C ASP A 207 -7.01 -19.20 10.38
N VAL A 208 -7.44 -19.09 9.11
CA VAL A 208 -8.68 -18.35 8.91
C VAL A 208 -9.86 -19.12 9.48
N GLU A 209 -9.87 -20.46 9.38
CA GLU A 209 -10.91 -21.20 10.11
C GLU A 209 -10.76 -21.03 11.61
N HIS A 210 -9.54 -21.15 12.13
CA HIS A 210 -9.37 -21.06 13.59
C HIS A 210 -9.51 -19.64 14.13
N THR A 211 -9.63 -18.63 13.28
CA THR A 211 -9.98 -17.29 13.75
C THR A 211 -11.46 -16.98 13.53
N PHE A 212 -12.06 -17.50 12.44
CA PHE A 212 -13.49 -17.34 12.28
C PHE A 212 -14.26 -18.10 13.35
N GLU A 213 -13.68 -19.17 13.91
CA GLU A 213 -14.36 -19.87 15.00
C GLU A 213 -14.58 -18.95 16.20
N GLU A 214 -13.57 -18.14 16.55
CA GLU A 214 -13.74 -17.16 17.62
C GLU A 214 -14.50 -15.93 17.16
N ILE A 215 -14.58 -15.72 15.85
CA ILE A 215 -15.36 -14.61 15.33
C ILE A 215 -16.84 -14.92 15.39
N LYS A 216 -17.19 -16.19 15.27
CA LYS A 216 -18.60 -16.61 15.31
C LYS A 216 -19.58 -15.94 16.32
N PRO A 217 -19.35 -16.05 17.65
CA PRO A 217 -20.36 -15.49 18.56
C PRO A 217 -20.55 -14.00 18.38
N LEU A 218 -19.49 -13.22 18.49
CA LEU A 218 -19.58 -11.79 18.27
C LEU A 218 -20.48 -11.58 17.07
N TYR A 219 -20.20 -12.30 16.00
CA TYR A 219 -21.05 -12.19 14.82
C TYR A 219 -22.44 -12.70 15.10
N GLU A 220 -22.56 -13.94 15.57
CA GLU A 220 -23.89 -14.50 15.76
C GLU A 220 -24.76 -13.55 16.58
N HIS A 221 -24.19 -12.95 17.63
CA HIS A 221 -24.98 -12.00 18.41
C HIS A 221 -25.29 -10.75 17.62
N LEU A 222 -24.34 -10.25 16.82
CA LEU A 222 -24.61 -9.10 15.98
C LEU A 222 -25.66 -9.41 14.93
N HIS A 223 -25.58 -10.60 14.33
CA HIS A 223 -26.57 -11.02 13.33
C HIS A 223 -27.95 -11.14 13.96
N ALA A 224 -28.02 -11.68 15.18
CA ALA A 224 -29.32 -11.78 15.86
C ALA A 224 -29.88 -10.40 16.18
N TYR A 225 -29.03 -9.46 16.60
CA TYR A 225 -29.51 -8.11 16.87
C TYR A 225 -29.99 -7.43 15.59
N VAL A 226 -29.24 -7.59 14.50
CA VAL A 226 -29.64 -7.01 13.22
C VAL A 226 -30.96 -7.62 12.77
N ARG A 227 -31.12 -8.92 12.95
CA ARG A 227 -32.37 -9.58 12.60
C ARG A 227 -33.53 -9.05 13.43
N ALA A 228 -33.31 -8.88 14.74
CA ALA A 228 -34.36 -8.33 15.60
C ALA A 228 -34.71 -6.90 15.22
N LYS A 229 -33.73 -6.12 14.76
CA LYS A 229 -33.96 -4.75 14.33
C LYS A 229 -34.39 -4.66 12.86
N LEU A 230 -34.46 -5.79 12.16
CA LEU A 230 -34.99 -5.83 10.81
C LEU A 230 -36.39 -6.43 10.75
N MET A 231 -36.94 -6.85 11.88
CA MET A 231 -38.32 -7.31 11.96
C MET A 231 -39.26 -6.21 12.46
N ASN A 232 -38.77 -4.97 12.54
CA ASN A 232 -39.64 -3.81 12.70
C ASN A 232 -39.53 -2.86 11.53
N ALA A 233 -38.53 -3.04 10.65
CA ALA A 233 -38.50 -2.39 9.35
C ALA A 233 -39.01 -3.29 8.23
N TYR A 234 -38.90 -4.60 8.41
CA TYR A 234 -39.55 -5.58 7.53
C TYR A 234 -40.32 -6.55 8.40
N PRO A 235 -41.43 -6.11 8.98
CA PRO A 235 -42.07 -6.89 10.05
C PRO A 235 -42.52 -8.28 9.65
N SER A 236 -42.99 -8.46 8.42
CA SER A 236 -43.57 -9.74 7.99
C SER A 236 -42.70 -10.42 6.94
N TYR A 237 -41.39 -10.15 6.97
CA TYR A 237 -40.50 -10.65 5.93
C TYR A 237 -39.31 -11.43 6.47
N ILE A 238 -39.05 -11.42 7.77
CA ILE A 238 -37.92 -12.12 8.35
C ILE A 238 -38.40 -12.97 9.51
N SER A 239 -38.01 -14.25 9.50
CA SER A 239 -38.31 -15.13 10.62
C SER A 239 -37.34 -14.88 11.77
N PRO A 240 -37.80 -14.89 13.01
CA PRO A 240 -36.92 -14.65 14.15
C PRO A 240 -35.99 -15.81 14.50
N ILE A 241 -35.97 -16.87 13.72
CA ILE A 241 -35.10 -18.02 14.00
C ILE A 241 -34.27 -18.34 12.76
N GLY A 242 -34.61 -17.71 11.64
CA GLY A 242 -33.95 -17.98 10.38
C GLY A 242 -32.82 -17.00 10.09
N CYS A 243 -32.28 -17.14 8.88
CA CYS A 243 -31.17 -16.30 8.43
C CYS A 243 -31.71 -14.94 8.01
N LEU A 244 -30.84 -14.11 7.44
CA LEU A 244 -31.18 -12.78 6.95
C LEU A 244 -31.28 -12.80 5.44
N PRO A 245 -32.36 -12.26 4.86
CA PRO A 245 -32.41 -12.17 3.39
C PRO A 245 -31.26 -11.35 2.86
N ALA A 246 -30.71 -11.78 1.72
CA ALA A 246 -29.47 -11.20 1.22
C ALA A 246 -29.65 -9.77 0.70
N HIS A 247 -30.87 -9.35 0.40
CA HIS A 247 -31.12 -8.02 -0.12
C HIS A 247 -31.44 -7.02 0.99
N LEU A 248 -31.42 -7.45 2.25
CA LEU A 248 -31.72 -6.60 3.40
C LEU A 248 -30.47 -6.25 4.20
N LEU A 249 -29.29 -6.29 3.59
CA LEU A 249 -28.03 -6.16 4.30
C LEU A 249 -27.32 -4.85 4.01
N GLY A 250 -28.04 -3.86 3.48
CA GLY A 250 -27.50 -2.54 3.26
C GLY A 250 -26.78 -2.34 1.95
N ASP A 251 -26.44 -3.41 1.25
CA ASP A 251 -25.74 -3.30 -0.02
C ASP A 251 -26.05 -4.54 -0.86
N MET A 252 -25.43 -4.60 -2.05
CA MET A 252 -25.80 -5.61 -3.03
C MET A 252 -25.48 -7.02 -2.55
N TRP A 253 -24.36 -7.20 -1.87
CA TRP A 253 -23.87 -8.54 -1.54
C TRP A 253 -23.90 -8.85 -0.06
N GLY A 254 -24.19 -7.87 0.80
CA GLY A 254 -24.08 -8.09 2.22
C GLY A 254 -22.66 -8.08 2.73
N ARG A 255 -21.74 -7.45 1.99
CA ARG A 255 -20.36 -7.35 2.42
C ARG A 255 -20.28 -6.55 3.71
N PHE A 256 -20.62 -5.26 3.63
CA PHE A 256 -20.70 -4.42 4.82
C PHE A 256 -22.14 -4.20 5.22
N TRP A 257 -22.38 -4.17 6.53
CA TRP A 257 -23.69 -3.88 7.08
C TRP A 257 -23.79 -2.43 7.54
N THR A 258 -22.83 -1.59 7.14
CA THR A 258 -22.79 -0.21 7.59
C THR A 258 -23.99 0.60 7.14
N ASN A 259 -24.66 0.19 6.06
CA ASN A 259 -25.86 0.86 5.61
C ASN A 259 -27.11 0.37 6.34
N LEU A 260 -26.98 -0.63 7.21
CA LEU A 260 -28.04 -1.04 8.09
C LEU A 260 -27.99 -0.30 9.42
N TYR A 261 -27.09 0.66 9.56
CA TYR A 261 -26.96 1.40 10.82
C TYR A 261 -28.26 2.11 11.17
N SER A 262 -28.83 2.84 10.21
CA SER A 262 -30.06 3.59 10.48
C SER A 262 -31.16 2.69 10.99
N LEU A 263 -31.29 1.48 10.43
CA LEU A 263 -32.27 0.53 10.92
C LEU A 263 -31.87 -0.03 12.28
N THR A 264 -30.62 -0.46 12.42
CA THR A 264 -30.13 -1.07 13.65
C THR A 264 -29.32 -0.03 14.41
N VAL A 265 -30.00 0.81 15.17
CA VAL A 265 -29.35 1.79 16.03
C VAL A 265 -29.51 1.31 17.48
N PRO A 266 -28.44 1.24 18.27
CA PRO A 266 -28.60 1.00 19.70
C PRO A 266 -29.53 2.01 20.36
N PHE A 267 -29.27 3.30 20.15
CA PHE A 267 -30.05 4.39 20.72
C PHE A 267 -30.19 5.48 19.66
N GLY A 268 -31.34 5.51 18.99
CA GLY A 268 -31.56 6.42 17.88
C GLY A 268 -31.67 7.88 18.25
N GLN A 269 -32.03 8.20 19.50
CA GLN A 269 -32.13 9.59 19.92
C GLN A 269 -30.78 10.24 20.18
N LYS A 270 -29.72 9.45 20.39
CA LYS A 270 -28.40 9.98 20.66
C LYS A 270 -27.65 10.12 19.34
N PRO A 271 -27.32 11.32 18.89
CA PRO A 271 -26.57 11.47 17.64
C PRO A 271 -25.16 10.92 17.77
N ASN A 272 -24.67 10.36 16.66
CA ASN A 272 -23.31 9.85 16.62
C ASN A 272 -22.33 11.01 16.46
N ILE A 273 -21.05 10.70 16.58
CA ILE A 273 -20.01 11.73 16.45
C ILE A 273 -19.85 12.08 14.98
N ASP A 274 -19.97 13.38 14.67
CA ASP A 274 -19.80 13.86 13.30
C ASP A 274 -19.38 15.32 13.41
N VAL A 275 -18.09 15.58 13.18
CA VAL A 275 -17.56 16.93 13.34
C VAL A 275 -17.68 17.77 12.08
N THR A 276 -18.39 17.28 11.06
CA THR A 276 -18.59 18.07 9.85
C THR A 276 -19.31 19.37 10.14
N ASP A 277 -20.30 19.34 11.04
CA ASP A 277 -21.01 20.54 11.45
C ASP A 277 -20.23 21.36 12.46
N ALA A 278 -19.09 20.86 12.93
CA ALA A 278 -18.24 21.58 13.88
C ALA A 278 -17.02 22.21 13.24
N MET A 279 -16.36 21.52 12.30
CA MET A 279 -15.22 22.10 11.61
C MET A 279 -15.62 22.77 10.29
N VAL A 280 -16.68 23.57 10.34
CA VAL A 280 -17.02 24.51 9.28
C VAL A 280 -17.27 25.85 9.95
N ASP A 281 -17.45 25.81 11.28
CA ASP A 281 -17.39 27.00 12.10
C ASP A 281 -15.97 27.35 12.51
N GLN A 282 -15.03 26.41 12.36
CA GLN A 282 -13.61 26.68 12.45
C GLN A 282 -13.00 27.01 11.09
N ALA A 283 -13.80 26.92 10.01
CA ALA A 283 -13.38 27.31 8.66
C ALA A 283 -12.12 26.57 8.22
N TRP A 284 -12.10 25.25 8.43
CA TRP A 284 -10.96 24.45 7.99
C TRP A 284 -10.97 24.37 6.46
N ASP A 285 -9.81 24.62 5.86
CA ASP A 285 -9.64 24.46 4.42
C ASP A 285 -9.20 23.02 4.12
N ALA A 286 -8.84 22.75 2.87
CA ALA A 286 -8.40 21.42 2.49
C ALA A 286 -7.05 21.09 3.12
N GLN A 287 -6.15 22.07 3.20
CA GLN A 287 -4.81 21.81 3.71
C GLN A 287 -4.85 21.40 5.18
N ARG A 288 -5.65 22.09 5.99
CA ARG A 288 -5.52 21.97 7.44
C ARG A 288 -5.96 20.60 7.93
N ILE A 289 -7.00 20.02 7.32
CA ILE A 289 -7.42 18.68 7.68
C ILE A 289 -6.34 17.64 7.39
N PHE A 290 -5.33 18.01 6.61
CA PHE A 290 -4.12 17.24 6.45
C PHE A 290 -2.99 17.77 7.33
N LYS A 291 -2.94 19.08 7.54
CA LYS A 291 -1.91 19.66 8.40
C LYS A 291 -2.01 19.16 9.84
N GLU A 292 -3.22 18.84 10.31
CA GLU A 292 -3.41 18.26 11.62
C GLU A 292 -3.47 16.74 11.57
N ALA A 293 -3.35 16.16 10.38
CA ALA A 293 -3.06 14.73 10.26
C ALA A 293 -1.56 14.48 10.35
N GLU A 294 -0.76 15.25 9.60
CA GLU A 294 0.68 15.22 9.75
C GLU A 294 1.08 15.47 11.19
N LYS A 295 0.44 16.44 11.84
CA LYS A 295 0.65 16.67 13.26
C LYS A 295 0.48 15.38 14.04
N PHE A 296 -0.63 14.68 13.81
CA PHE A 296 -0.86 13.38 14.43
C PHE A 296 0.34 12.46 14.22
N PHE A 297 0.81 12.37 12.98
CA PHE A 297 1.92 11.47 12.70
C PHE A 297 3.24 11.99 13.23
N VAL A 298 3.38 13.30 13.43
CA VAL A 298 4.58 13.77 14.13
C VAL A 298 4.35 13.81 15.63
N SER A 299 3.13 13.53 16.08
CA SER A 299 2.91 13.32 17.51
C SER A 299 3.52 12.00 17.96
N VAL A 300 3.45 10.97 17.13
CA VAL A 300 3.92 9.65 17.56
C VAL A 300 5.39 9.41 17.22
N GLY A 301 5.98 10.32 16.46
CA GLY A 301 7.38 10.17 16.10
C GLY A 301 7.58 10.06 14.62
N LEU A 302 6.61 9.50 13.91
CA LEU A 302 6.71 9.43 12.46
C LEU A 302 7.16 10.79 11.98
N PRO A 303 8.13 10.83 11.06
CA PRO A 303 8.65 12.14 10.69
C PRO A 303 7.61 12.99 9.98
N ASN A 304 8.01 14.23 9.66
CA ASN A 304 7.17 15.14 8.92
C ASN A 304 6.87 14.60 7.53
N MET A 305 5.95 15.27 6.84
CA MET A 305 5.69 14.98 5.44
C MET A 305 6.61 15.82 4.56
N THR A 306 7.12 15.20 3.50
CA THR A 306 8.15 15.84 2.69
C THR A 306 7.61 17.10 2.01
N GLN A 307 8.52 18.04 1.76
CA GLN A 307 8.16 19.26 1.04
C GLN A 307 7.58 18.94 -0.33
N GLY A 308 7.99 17.81 -0.90
CA GLY A 308 7.46 17.38 -2.19
C GLY A 308 6.13 16.65 -2.06
N PHE A 309 5.53 16.69 -0.88
CA PHE A 309 4.19 16.16 -0.66
C PHE A 309 3.11 17.22 -0.65
N TRP A 310 3.38 18.39 -0.07
CA TRP A 310 2.45 19.51 -0.13
C TRP A 310 2.46 20.20 -1.49
N GLU A 311 3.59 20.21 -2.18
CA GLU A 311 3.71 20.89 -3.46
C GLU A 311 3.42 19.99 -4.65
N ASN A 312 3.12 18.71 -4.43
CA ASN A 312 2.92 17.77 -5.52
C ASN A 312 1.64 16.93 -5.39
N SER A 313 0.99 16.91 -4.25
CA SER A 313 -0.25 16.15 -4.07
C SER A 313 -1.45 17.09 -4.20
N MET A 314 -2.47 16.64 -4.91
CA MET A 314 -3.67 17.45 -5.15
C MET A 314 -4.62 17.26 -3.97
N LEU A 315 -4.34 17.95 -2.87
CA LEU A 315 -5.16 17.79 -1.68
C LEU A 315 -6.28 18.81 -1.65
N THR A 316 -6.32 19.70 -2.63
CA THR A 316 -7.35 20.73 -2.67
C THR A 316 -8.40 20.40 -3.73
N ASP A 317 -8.73 19.12 -3.88
CA ASP A 317 -9.74 18.69 -4.86
C ASP A 317 -9.28 18.91 -6.30
N PRO A 318 -9.84 18.14 -7.25
CA PRO A 318 -9.49 18.30 -8.66
C PRO A 318 -9.41 19.77 -9.03
N GLY A 319 -10.44 20.53 -8.66
CA GLY A 319 -10.46 21.95 -8.98
C GLY A 319 -11.50 22.34 -10.00
N ASN A 320 -12.54 21.52 -10.15
CA ASN A 320 -13.66 21.86 -11.06
C ASN A 320 -13.35 22.02 -12.56
N VAL A 321 -12.12 21.76 -13.01
CA VAL A 321 -11.85 21.85 -14.46
C VAL A 321 -11.35 20.54 -15.03
N GLN A 322 -10.10 20.20 -14.76
CA GLN A 322 -9.56 18.92 -15.21
C GLN A 322 -10.36 17.79 -14.61
N LYS A 323 -10.25 16.60 -15.18
CA LYS A 323 -10.92 15.44 -14.62
C LYS A 323 -9.98 14.75 -13.65
N ALA A 324 -10.47 14.39 -12.47
CA ALA A 324 -9.61 13.79 -11.47
C ALA A 324 -10.27 12.65 -10.70
N VAL A 325 -9.73 11.45 -10.85
CA VAL A 325 -10.23 10.34 -10.06
C VAL A 325 -10.18 10.79 -8.62
N CYS A 326 -11.24 10.57 -7.86
CA CYS A 326 -11.28 11.11 -6.51
C CYS A 326 -11.07 10.08 -5.40
N HIS A 327 -10.73 8.86 -5.76
CA HIS A 327 -10.46 7.86 -4.74
C HIS A 327 -9.30 8.31 -3.88
N PRO A 328 -9.51 8.37 -2.56
CA PRO A 328 -8.40 8.72 -1.66
C PRO A 328 -7.29 7.72 -1.86
N THR A 329 -6.23 8.12 -2.54
CA THR A 329 -5.16 7.18 -2.85
C THR A 329 -3.80 7.67 -2.41
N ALA A 330 -3.12 6.93 -1.56
CA ALA A 330 -1.76 7.33 -1.24
C ALA A 330 -0.88 6.83 -2.36
N TRP A 331 0.05 7.65 -2.84
CA TRP A 331 0.83 7.26 -3.93
C TRP A 331 2.30 7.29 -3.64
N ASP A 332 2.98 6.20 -3.86
CA ASP A 332 4.43 6.15 -3.68
C ASP A 332 5.05 6.13 -5.06
N LEU A 333 5.26 7.33 -5.60
CA LEU A 333 5.60 7.47 -7.02
C LEU A 333 6.90 6.74 -7.35
N GLY A 334 7.87 6.78 -6.46
CA GLY A 334 9.20 6.32 -6.79
C GLY A 334 10.26 6.89 -5.87
N LYS A 335 11.26 7.55 -6.45
CA LYS A 335 12.45 7.96 -5.73
C LYS A 335 12.10 9.12 -4.79
N GLY A 336 11.53 8.77 -3.64
CA GLY A 336 11.32 9.73 -2.58
C GLY A 336 10.12 10.63 -2.73
N ASP A 337 9.22 10.34 -3.66
CA ASP A 337 8.07 11.20 -3.93
C ASP A 337 6.79 10.51 -3.47
N PHE A 338 6.27 10.94 -2.32
CA PHE A 338 5.04 10.41 -1.76
C PHE A 338 3.97 11.48 -1.83
N ARG A 339 2.83 11.14 -2.43
CA ARG A 339 1.71 12.06 -2.59
C ARG A 339 0.42 11.35 -2.18
N ILE A 340 -0.65 12.13 -2.05
CA ILE A 340 -1.99 11.59 -1.83
C ILE A 340 -2.94 12.20 -2.83
N LEU A 341 -3.62 11.35 -3.61
CA LEU A 341 -4.71 11.78 -4.48
C LEU A 341 -6.00 11.60 -3.70
N MET A 342 -6.51 12.70 -3.15
CA MET A 342 -7.72 12.64 -2.35
C MET A 342 -8.49 13.94 -2.51
N CYS A 343 -9.77 13.84 -2.87
CA CYS A 343 -10.62 15.00 -3.08
C CYS A 343 -11.31 15.30 -1.76
N THR A 344 -10.71 16.22 -1.00
CA THR A 344 -11.08 16.45 0.39
C THR A 344 -12.18 17.51 0.49
N LYS A 345 -13.41 17.07 0.64
CA LYS A 345 -14.52 17.94 1.01
C LYS A 345 -14.63 17.89 2.54
N VAL A 346 -14.77 19.05 3.16
CA VAL A 346 -14.74 19.12 4.62
C VAL A 346 -15.86 18.24 5.18
N THR A 347 -15.47 17.19 5.89
CA THR A 347 -16.36 16.15 6.40
C THR A 347 -15.56 15.25 7.31
N MET A 348 -16.20 14.76 8.38
CA MET A 348 -15.51 13.87 9.31
C MET A 348 -15.00 12.63 8.61
N ASP A 349 -15.79 12.08 7.68
CA ASP A 349 -15.32 10.93 6.91
C ASP A 349 -14.06 11.26 6.14
N ASP A 350 -13.99 12.47 5.57
CA ASP A 350 -12.78 12.87 4.86
C ASP A 350 -11.63 13.11 5.82
N PHE A 351 -11.90 13.55 7.05
CA PHE A 351 -10.84 13.68 8.05
C PHE A 351 -10.23 12.32 8.38
N LEU A 352 -11.08 11.34 8.68
CA LEU A 352 -10.58 9.99 8.98
C LEU A 352 -9.87 9.39 7.77
N THR A 353 -10.40 9.63 6.56
CA THR A 353 -9.78 9.07 5.37
C THR A 353 -8.46 9.76 5.04
N ALA A 354 -8.34 11.05 5.35
CA ALA A 354 -7.06 11.71 5.23
C ALA A 354 -6.04 11.12 6.18
N HIS A 355 -6.45 10.84 7.41
CA HIS A 355 -5.57 10.13 8.34
C HIS A 355 -5.19 8.76 7.80
N HIS A 356 -6.15 8.07 7.18
CA HIS A 356 -5.89 6.77 6.58
C HIS A 356 -4.83 6.85 5.49
N GLU A 357 -5.01 7.79 4.55
CA GLU A 357 -4.06 7.92 3.44
C GLU A 357 -2.70 8.40 3.93
N MET A 358 -2.67 9.25 4.96
CA MET A 358 -1.38 9.60 5.55
C MET A 358 -0.71 8.45 6.27
N GLY A 359 -1.48 7.54 6.88
CA GLY A 359 -0.88 6.32 7.41
C GLY A 359 -0.26 5.48 6.32
N HIS A 360 -0.98 5.33 5.21
CA HIS A 360 -0.43 4.65 4.04
C HIS A 360 0.88 5.29 3.59
N ILE A 361 0.89 6.62 3.46
CA ILE A 361 2.08 7.31 2.98
C ILE A 361 3.22 7.22 3.98
N GLN A 362 2.91 7.27 5.28
CA GLN A 362 3.95 7.10 6.29
C GLN A 362 4.58 5.71 6.19
N TYR A 363 3.75 4.68 5.98
CA TYR A 363 4.30 3.35 5.78
C TYR A 363 5.19 3.31 4.54
N ASP A 364 4.76 3.96 3.45
CA ASP A 364 5.58 4.01 2.23
C ASP A 364 6.92 4.70 2.49
N MET A 365 6.91 5.83 3.20
CA MET A 365 8.17 6.49 3.54
C MET A 365 9.04 5.59 4.38
N ALA A 366 8.42 4.82 5.29
CA ALA A 366 9.19 3.94 6.17
C ALA A 366 9.92 2.85 5.38
N TYR A 367 9.20 2.13 4.51
CA TYR A 367 9.89 1.10 3.75
C TYR A 367 10.46 1.59 2.43
N ALA A 368 10.53 2.91 2.20
CA ALA A 368 11.23 3.40 1.03
C ALA A 368 12.71 3.05 1.04
N ALA A 369 13.31 2.87 2.22
CA ALA A 369 14.72 2.54 2.30
C ALA A 369 14.99 1.11 1.82
N GLN A 370 13.98 0.25 1.79
CA GLN A 370 14.15 -1.12 1.35
C GLN A 370 14.39 -1.15 -0.16
N PRO A 371 14.96 -2.26 -0.67
CA PRO A 371 15.05 -2.43 -2.12
C PRO A 371 13.67 -2.44 -2.76
N PHE A 372 13.64 -2.16 -4.06
CA PHE A 372 12.39 -1.84 -4.74
C PHE A 372 11.37 -2.99 -4.62
N LEU A 373 11.80 -4.20 -4.94
CA LEU A 373 10.88 -5.34 -4.89
C LEU A 373 10.40 -5.63 -3.48
N LEU A 374 11.11 -5.15 -2.47
CA LEU A 374 10.69 -5.28 -1.08
C LEU A 374 9.99 -4.03 -0.58
N ARG A 375 9.62 -3.13 -1.49
CA ARG A 375 8.89 -1.91 -1.14
C ARG A 375 7.39 -2.19 -1.28
N ASN A 376 6.84 -2.84 -0.26
CA ASN A 376 5.41 -3.12 -0.18
C ASN A 376 5.11 -3.57 1.23
N GLY A 377 3.83 -3.80 1.52
CA GLY A 377 3.47 -4.43 2.76
C GLY A 377 4.05 -5.83 2.86
N ALA A 378 4.36 -6.23 4.10
CA ALA A 378 4.99 -7.54 4.30
C ALA A 378 4.09 -8.66 3.84
N ASN A 379 2.78 -8.42 3.81
CA ASN A 379 1.83 -9.31 3.14
C ASN A 379 0.66 -8.46 2.66
N GLU A 380 -0.44 -9.12 2.29
CA GLU A 380 -1.57 -8.43 1.68
C GLU A 380 -2.20 -7.41 2.63
N GLY A 381 -2.31 -7.77 3.91
CA GLY A 381 -3.14 -6.99 4.81
C GLY A 381 -2.44 -6.15 5.86
N PHE A 382 -1.19 -5.76 5.64
CA PHE A 382 -0.52 -4.85 6.55
C PHE A 382 -0.67 -3.38 6.19
N HIS A 383 -0.57 -3.05 4.90
CA HIS A 383 -0.62 -1.65 4.49
C HIS A 383 -1.99 -1.04 4.77
N GLU A 384 -3.04 -1.75 4.33
CA GLU A 384 -4.40 -1.29 4.59
C GLU A 384 -4.71 -1.30 6.08
N ALA A 385 -4.15 -2.27 6.82
CA ALA A 385 -4.36 -2.32 8.27
C ALA A 385 -3.75 -1.10 8.94
N VAL A 386 -2.57 -0.68 8.50
CA VAL A 386 -1.96 0.54 9.03
C VAL A 386 -2.85 1.73 8.74
N GLY A 387 -3.37 1.82 7.52
CA GLY A 387 -4.28 2.92 7.19
C GLY A 387 -5.48 2.96 8.11
N GLU A 388 -6.12 1.81 8.32
CA GLU A 388 -7.32 1.79 9.16
C GLU A 388 -7.01 1.99 10.64
N ILE A 389 -5.84 1.55 11.13
CA ILE A 389 -5.54 1.85 12.53
C ILE A 389 -5.30 3.34 12.72
N MET A 390 -4.71 4.00 11.71
CA MET A 390 -4.64 5.46 11.77
C MET A 390 -6.02 6.08 11.78
N SER A 391 -6.94 5.54 10.95
CA SER A 391 -8.31 6.05 10.96
C SER A 391 -8.97 5.87 12.32
N LEU A 392 -8.80 4.70 12.93
CA LEU A 392 -9.40 4.43 14.24
C LEU A 392 -8.84 5.35 15.31
N SER A 393 -7.52 5.56 15.31
CA SER A 393 -6.92 6.47 16.28
C SER A 393 -7.38 7.91 16.05
N ALA A 394 -7.67 8.27 14.80
CA ALA A 394 -8.18 9.61 14.54
C ALA A 394 -9.63 9.76 14.97
N ALA A 395 -10.43 8.71 14.82
CA ALA A 395 -11.87 8.79 15.01
C ALA A 395 -12.31 8.77 16.46
N THR A 396 -11.41 8.52 17.40
CA THR A 396 -11.80 8.43 18.80
C THR A 396 -12.27 9.79 19.29
N PRO A 397 -13.37 9.85 20.05
CA PRO A 397 -13.84 11.15 20.57
C PRO A 397 -12.81 11.85 21.44
N LYS A 398 -11.91 11.13 22.09
CA LYS A 398 -10.85 11.75 22.88
C LYS A 398 -9.78 12.42 22.03
N HIS A 399 -9.52 11.90 20.83
CA HIS A 399 -8.60 12.58 19.91
C HIS A 399 -9.20 13.91 19.46
N LEU A 400 -10.50 13.91 19.17
CA LEU A 400 -11.15 15.15 18.76
C LEU A 400 -11.55 15.96 19.98
N LYS A 401 -10.63 16.10 20.93
CA LYS A 401 -10.78 17.09 22.01
C LYS A 401 -9.52 17.89 22.27
N SER A 402 -8.33 17.37 21.95
CA SER A 402 -7.15 18.20 21.80
C SER A 402 -7.25 19.05 20.53
N ILE A 403 -7.83 18.48 19.49
CA ILE A 403 -8.28 19.25 18.34
C ILE A 403 -9.62 19.87 18.70
N GLY A 404 -9.76 21.17 18.45
CA GLY A 404 -10.93 21.89 18.92
C GLY A 404 -12.18 21.69 18.09
N LEU A 405 -12.48 20.44 17.73
CA LEU A 405 -13.73 20.13 17.04
C LEU A 405 -14.87 19.97 18.03
N LEU A 406 -14.77 18.99 18.92
CA LEU A 406 -15.70 18.88 20.03
C LEU A 406 -15.32 19.86 21.14
N SER A 407 -16.33 20.45 21.76
CA SER A 407 -16.07 21.39 22.84
C SER A 407 -15.43 20.66 24.02
N PRO A 408 -14.63 21.34 24.84
CA PRO A 408 -13.98 20.66 25.97
C PRO A 408 -14.94 20.41 27.12
N ASP A 409 -16.13 19.92 26.79
CA ASP A 409 -17.13 19.53 27.77
C ASP A 409 -17.85 18.24 27.40
N PHE A 410 -17.45 17.60 26.30
CA PHE A 410 -18.15 16.41 25.81
C PHE A 410 -17.85 15.12 26.57
N GLN A 411 -18.80 14.19 26.55
CA GLN A 411 -18.58 12.90 27.21
C GLN A 411 -19.57 11.87 26.63
N GLU A 412 -19.10 11.03 25.72
CA GLU A 412 -19.98 10.05 25.08
C GLU A 412 -20.64 9.14 26.08
N ASP A 413 -21.96 9.20 26.14
CA ASP A 413 -22.64 8.28 27.02
C ASP A 413 -22.32 6.91 26.49
N ASN A 414 -22.35 5.90 27.36
CA ASN A 414 -22.18 4.54 26.86
C ASN A 414 -23.11 4.44 25.68
N GLU A 415 -24.21 5.18 25.71
CA GLU A 415 -25.15 5.18 24.62
C GLU A 415 -24.49 5.40 23.27
N THR A 416 -23.75 6.50 23.10
CA THR A 416 -23.24 6.70 21.74
C THR A 416 -22.03 5.83 21.65
N GLU A 417 -21.48 5.47 22.80
CA GLU A 417 -20.32 4.61 22.84
C GLU A 417 -20.67 3.20 22.40
N ILE A 418 -21.92 2.76 22.59
CA ILE A 418 -22.45 1.61 21.91
C ILE A 418 -22.97 1.97 20.51
N ASN A 419 -23.51 3.17 20.32
CA ASN A 419 -23.94 3.58 18.98
C ASN A 419 -22.78 3.55 17.99
N PHE A 420 -21.68 4.23 18.33
CA PHE A 420 -20.51 4.26 17.46
C PHE A 420 -19.89 2.87 17.31
N LEU A 421 -19.85 2.10 18.39
CA LEU A 421 -19.20 0.80 18.32
C LEU A 421 -20.00 -0.19 17.49
N LEU A 422 -21.34 -0.08 17.51
CA LEU A 422 -22.15 -0.91 16.62
C LEU A 422 -22.06 -0.41 15.18
N LYS A 423 -21.97 0.91 14.99
CA LYS A 423 -21.70 1.44 13.66
C LYS A 423 -20.41 0.85 13.09
N GLN A 424 -19.38 0.73 13.93
CA GLN A 424 -18.14 0.11 13.50
C GLN A 424 -18.27 -1.41 13.34
N ALA A 425 -19.05 -2.08 14.18
CA ALA A 425 -19.19 -3.52 14.10
C ALA A 425 -20.03 -3.95 12.91
N LEU A 426 -20.84 -3.06 12.36
CA LEU A 426 -21.55 -3.38 11.13
C LEU A 426 -20.60 -3.39 9.93
N THR A 427 -19.53 -2.61 9.99
CA THR A 427 -18.53 -2.58 8.93
C THR A 427 -17.48 -3.67 9.12
N ILE A 428 -16.82 -3.68 10.28
CA ILE A 428 -15.84 -4.69 10.63
C ILE A 428 -16.44 -6.09 10.63
N VAL A 429 -17.42 -6.32 11.51
CA VAL A 429 -18.08 -7.61 11.56
C VAL A 429 -19.20 -7.57 10.53
N GLY A 430 -19.57 -8.71 9.96
CA GLY A 430 -20.51 -8.72 8.88
C GLY A 430 -19.81 -8.79 7.54
N THR A 431 -18.58 -8.29 7.48
CA THR A 431 -17.71 -8.56 6.33
C THR A 431 -16.68 -9.64 6.63
N LEU A 432 -16.36 -9.89 7.90
CA LEU A 432 -15.50 -11.03 8.22
C LEU A 432 -16.15 -12.33 7.84
N PRO A 433 -17.41 -12.62 8.22
CA PRO A 433 -18.06 -13.82 7.67
C PRO A 433 -18.20 -13.78 6.18
N PHE A 434 -18.52 -12.60 5.61
CA PHE A 434 -18.65 -12.49 4.17
C PHE A 434 -17.32 -12.76 3.47
N THR A 435 -16.25 -12.12 3.95
CA THR A 435 -14.93 -12.31 3.35
C THR A 435 -14.48 -13.75 3.47
N TYR A 436 -14.60 -14.31 4.69
CA TYR A 436 -14.16 -15.67 4.92
C TYR A 436 -14.94 -16.66 4.06
N MET A 437 -16.27 -16.49 3.99
CA MET A 437 -17.09 -17.37 3.19
C MET A 437 -16.75 -17.27 1.72
N LEU A 438 -16.63 -16.04 1.19
CA LEU A 438 -16.38 -15.87 -0.22
C LEU A 438 -15.02 -16.43 -0.61
N GLU A 439 -13.98 -16.12 0.17
CA GLU A 439 -12.66 -16.60 -0.18
C GLU A 439 -12.52 -18.09 0.07
N LYS A 440 -13.25 -18.64 1.05
CA LYS A 440 -13.27 -20.08 1.26
C LYS A 440 -13.94 -20.79 0.09
N TRP A 441 -15.03 -20.22 -0.42
CA TRP A 441 -15.67 -20.75 -1.61
C TRP A 441 -14.73 -20.72 -2.80
N ARG A 442 -14.02 -19.60 -2.99
CA ARG A 442 -13.08 -19.51 -4.10
C ARG A 442 -11.94 -20.51 -3.93
N TRP A 443 -11.42 -20.64 -2.71
CA TRP A 443 -10.35 -21.58 -2.44
C TRP A 443 -10.74 -23.00 -2.77
N MET A 444 -11.94 -23.42 -2.35
CA MET A 444 -12.40 -24.75 -2.74
C MET A 444 -12.61 -24.86 -4.23
N VAL A 445 -13.27 -23.88 -4.85
CA VAL A 445 -13.58 -23.94 -6.27
C VAL A 445 -12.32 -24.14 -7.10
N PHE A 446 -11.26 -23.44 -6.72
CA PHE A 446 -10.00 -23.52 -7.47
C PHE A 446 -9.43 -24.93 -7.46
N LYS A 447 -9.45 -25.59 -6.31
CA LYS A 447 -8.99 -26.98 -6.26
C LYS A 447 -10.07 -27.91 -6.76
N GLY A 448 -11.11 -27.35 -7.36
CA GLY A 448 -12.20 -28.15 -7.90
C GLY A 448 -13.07 -28.77 -6.82
N GLU A 449 -12.71 -28.55 -5.56
CA GLU A 449 -13.50 -29.07 -4.47
C GLU A 449 -14.98 -28.81 -4.71
N ILE A 450 -15.28 -27.71 -5.40
CA ILE A 450 -16.66 -27.41 -5.72
C ILE A 450 -16.93 -27.67 -7.19
N PRO A 451 -17.59 -28.80 -7.49
CA PRO A 451 -17.93 -29.12 -8.88
C PRO A 451 -18.74 -27.98 -9.47
N LYS A 452 -18.55 -27.71 -10.75
CA LYS A 452 -19.23 -26.56 -11.33
C LYS A 452 -20.74 -26.67 -11.16
N ASP A 453 -21.30 -27.85 -11.42
CA ASP A 453 -22.75 -28.06 -11.30
C ASP A 453 -23.20 -28.00 -9.85
N GLN A 454 -22.29 -27.68 -8.94
CA GLN A 454 -22.62 -27.47 -7.54
C GLN A 454 -22.21 -26.11 -7.02
N TRP A 455 -21.48 -25.31 -7.81
CA TRP A 455 -20.95 -24.02 -7.36
C TRP A 455 -21.98 -23.24 -6.55
N MET A 456 -23.06 -22.84 -7.22
CA MET A 456 -24.06 -22.01 -6.56
C MET A 456 -24.59 -22.70 -5.32
N LYS A 457 -24.90 -23.99 -5.44
CA LYS A 457 -25.32 -24.78 -4.29
C LYS A 457 -24.40 -24.50 -3.11
N LYS A 458 -23.12 -24.81 -3.27
CA LYS A 458 -22.19 -24.63 -2.17
C LYS A 458 -22.16 -23.18 -1.72
N TRP A 459 -22.13 -22.25 -2.69
CA TRP A 459 -22.21 -20.84 -2.36
C TRP A 459 -23.37 -20.58 -1.41
N TRP A 460 -24.58 -20.90 -1.85
CA TRP A 460 -25.72 -20.56 -1.02
C TRP A 460 -25.88 -21.49 0.15
N GLU A 461 -25.15 -22.61 0.18
CA GLU A 461 -25.06 -23.36 1.42
C GLU A 461 -24.19 -22.62 2.43
N MET A 462 -23.04 -22.14 1.98
CA MET A 462 -22.10 -21.46 2.87
C MET A 462 -22.72 -20.19 3.43
N LYS A 463 -23.37 -19.40 2.57
CA LYS A 463 -24.06 -18.20 3.00
C LYS A 463 -25.07 -18.50 4.10
N ARG A 464 -25.64 -19.71 4.10
CA ARG A 464 -26.62 -20.05 5.13
C ARG A 464 -25.95 -20.50 6.41
N GLU A 465 -24.75 -21.08 6.33
CA GLU A 465 -24.10 -21.62 7.51
C GLU A 465 -22.99 -20.73 8.07
N ILE A 466 -22.25 -20.04 7.21
CA ILE A 466 -21.12 -19.22 7.64
C ILE A 466 -21.55 -17.76 7.84
N VAL A 467 -22.21 -17.18 6.85
CA VAL A 467 -22.60 -15.79 6.94
C VAL A 467 -23.97 -15.66 7.61
N GLY A 468 -24.78 -16.71 7.57
CA GLY A 468 -26.13 -16.64 8.10
C GLY A 468 -27.03 -15.75 7.27
N VAL A 469 -26.91 -15.87 5.96
CA VAL A 469 -27.66 -15.06 5.00
C VAL A 469 -28.27 -16.01 3.97
N VAL A 470 -29.59 -16.01 3.86
CA VAL A 470 -30.31 -16.90 2.98
C VAL A 470 -30.63 -16.16 1.69
N GLU A 471 -30.53 -16.86 0.56
CA GLU A 471 -30.89 -16.25 -0.71
C GLU A 471 -32.40 -16.00 -0.76
N PRO A 472 -32.82 -14.87 -1.32
CA PRO A 472 -34.26 -14.60 -1.40
C PRO A 472 -34.96 -15.39 -2.47
N VAL A 473 -34.25 -15.84 -3.50
CA VAL A 473 -34.79 -16.73 -4.53
C VAL A 473 -33.75 -17.80 -4.80
N PRO A 474 -34.16 -19.04 -5.11
CA PRO A 474 -33.18 -20.12 -5.24
C PRO A 474 -32.37 -19.96 -6.52
N HIS A 475 -31.04 -19.95 -6.37
CA HIS A 475 -30.13 -19.76 -7.50
C HIS A 475 -29.64 -21.12 -7.96
N ASP A 476 -30.08 -21.52 -9.16
CA ASP A 476 -29.55 -22.73 -9.79
C ASP A 476 -28.18 -22.40 -10.35
N GLU A 477 -27.60 -23.32 -11.12
CA GLU A 477 -26.21 -23.14 -11.51
C GLU A 477 -26.02 -22.10 -12.60
N THR A 478 -27.10 -21.56 -13.18
CA THR A 478 -26.95 -20.52 -14.18
C THR A 478 -26.42 -19.21 -13.61
N TYR A 479 -26.41 -19.07 -12.29
CA TYR A 479 -25.94 -17.84 -11.64
C TYR A 479 -24.48 -17.97 -11.24
N CYS A 480 -23.85 -16.80 -11.04
CA CYS A 480 -22.48 -16.73 -10.54
C CYS A 480 -22.39 -15.65 -9.48
N ASP A 481 -23.31 -15.69 -8.51
CA ASP A 481 -23.50 -14.70 -7.45
C ASP A 481 -22.21 -14.13 -6.87
N PRO A 482 -21.17 -14.93 -6.60
CA PRO A 482 -19.89 -14.32 -6.20
C PRO A 482 -19.33 -13.36 -7.24
N ALA A 483 -19.37 -13.73 -8.52
CA ALA A 483 -18.82 -12.88 -9.57
C ALA A 483 -19.53 -11.53 -9.64
N SER A 484 -20.71 -11.41 -9.05
CA SER A 484 -21.41 -10.14 -8.98
C SER A 484 -20.70 -9.14 -8.08
N LEU A 485 -19.69 -9.56 -7.33
CA LEU A 485 -18.87 -8.66 -6.51
C LEU A 485 -17.64 -8.23 -7.31
N PHE A 486 -17.13 -7.04 -6.97
CA PHE A 486 -16.02 -6.46 -7.72
C PHE A 486 -14.80 -7.36 -7.68
N HIS A 487 -14.41 -7.81 -6.49
CA HIS A 487 -13.17 -8.54 -6.32
C HIS A 487 -13.20 -9.95 -6.90
N VAL A 488 -14.38 -10.46 -7.24
CA VAL A 488 -14.49 -11.81 -7.79
C VAL A 488 -14.40 -11.80 -9.30
N SER A 489 -15.09 -10.86 -9.95
CA SER A 489 -15.03 -10.72 -11.41
C SER A 489 -13.92 -9.78 -11.86
N ASN A 490 -12.90 -9.58 -11.03
CA ASN A 490 -11.76 -8.74 -11.40
C ASN A 490 -10.43 -9.33 -10.94
N ASP A 491 -10.39 -10.59 -10.53
CA ASP A 491 -9.15 -11.27 -10.15
C ASP A 491 -8.44 -10.56 -8.99
N TYR A 492 -9.20 -10.29 -7.93
CA TYR A 492 -8.65 -9.69 -6.73
C TYR A 492 -8.81 -10.67 -5.58
N SER A 493 -7.69 -11.01 -4.94
CA SER A 493 -7.76 -11.82 -3.73
C SER A 493 -8.55 -11.08 -2.66
N PHE A 494 -9.48 -11.77 -2.02
CA PHE A 494 -10.41 -11.11 -1.12
C PHE A 494 -10.15 -11.41 0.35
N ILE A 495 -9.36 -12.46 0.65
CA ILE A 495 -8.96 -12.73 2.02
C ILE A 495 -8.07 -11.64 2.59
N ARG A 496 -7.54 -10.75 1.73
CA ARG A 496 -6.73 -9.65 2.22
C ARG A 496 -7.53 -8.79 3.19
N TYR A 497 -8.85 -8.70 3.01
CA TYR A 497 -9.66 -7.89 3.92
C TYR A 497 -9.83 -8.55 5.28
N TYR A 498 -10.04 -9.88 5.31
CA TYR A 498 -10.12 -10.60 6.57
C TYR A 498 -8.81 -10.50 7.33
N THR A 499 -7.70 -10.82 6.65
CA THR A 499 -6.40 -10.72 7.30
C THR A 499 -6.08 -9.30 7.71
N ARG A 500 -6.48 -8.31 6.91
CA ARG A 500 -6.24 -6.91 7.23
C ARG A 500 -7.02 -6.49 8.46
N THR A 501 -8.26 -6.97 8.61
CA THR A 501 -9.02 -6.68 9.80
C THR A 501 -8.35 -7.26 11.04
N LEU A 502 -7.92 -8.53 10.95
CA LEU A 502 -7.21 -9.11 12.08
C LEU A 502 -5.94 -8.32 12.40
N TYR A 503 -5.18 -7.97 11.37
CA TYR A 503 -3.93 -7.24 11.55
C TYR A 503 -4.18 -5.86 12.13
N GLN A 504 -5.22 -5.17 11.67
CA GLN A 504 -5.46 -3.81 12.13
C GLN A 504 -5.85 -3.82 13.60
N PHE A 505 -6.63 -4.81 14.02
CA PHE A 505 -7.00 -4.79 15.44
C PHE A 505 -5.87 -5.27 16.32
N GLN A 506 -5.02 -6.18 15.83
CA GLN A 506 -3.80 -6.49 16.57
C GLN A 506 -2.89 -5.26 16.67
N PHE A 507 -2.75 -4.52 15.58
CA PHE A 507 -1.93 -3.30 15.59
C PHE A 507 -2.47 -2.29 16.59
N GLN A 508 -3.79 -2.09 16.58
CA GLN A 508 -4.38 -1.12 17.49
C GLN A 508 -4.19 -1.54 18.94
N GLU A 509 -4.40 -2.83 19.24
CA GLU A 509 -4.21 -3.31 20.61
C GLU A 509 -2.76 -3.16 21.05
N ALA A 510 -1.81 -3.50 20.17
CA ALA A 510 -0.40 -3.40 20.53
C ALA A 510 0.04 -1.95 20.70
N LEU A 511 -0.42 -1.07 19.81
CA LEU A 511 -0.04 0.34 19.92
C LEU A 511 -0.70 1.01 21.12
N CYS A 512 -1.89 0.53 21.52
CA CYS A 512 -2.49 1.04 22.74
C CYS A 512 -1.78 0.53 24.00
N GLN A 513 -1.29 -0.71 23.96
CA GLN A 513 -0.43 -1.17 25.05
C GLN A 513 0.84 -0.34 25.13
N ALA A 514 1.45 -0.06 23.99
CA ALA A 514 2.64 0.80 23.96
C ALA A 514 2.33 2.22 24.40
N ALA A 515 1.12 2.70 24.16
CA ALA A 515 0.69 4.03 24.57
C ALA A 515 0.15 4.06 25.99
N LYS A 516 0.20 2.93 26.70
CA LYS A 516 -0.27 2.83 28.09
C LYS A 516 -1.74 3.23 28.21
N HIS A 517 -2.55 2.77 27.26
CA HIS A 517 -3.98 2.99 27.34
C HIS A 517 -4.57 2.22 28.51
N GLU A 518 -5.58 2.82 29.16
CA GLU A 518 -6.20 2.24 30.34
C GLU A 518 -7.65 1.83 30.12
N GLY A 519 -8.41 2.61 29.36
CA GLY A 519 -9.82 2.32 29.16
C GLY A 519 -10.07 1.28 28.10
N PRO A 520 -11.27 1.31 27.51
CA PRO A 520 -11.58 0.36 26.42
C PRO A 520 -10.71 0.63 25.19
N LEU A 521 -10.55 -0.41 24.38
CA LEU A 521 -9.70 -0.31 23.20
C LEU A 521 -10.27 0.70 22.20
N HIS A 522 -11.59 0.72 22.01
CA HIS A 522 -12.18 1.60 21.01
C HIS A 522 -12.06 3.07 21.40
N LYS A 523 -11.87 3.38 22.68
CA LYS A 523 -11.68 4.75 23.13
C LYS A 523 -10.22 5.18 23.05
N CYS A 524 -9.34 4.33 22.55
CA CYS A 524 -7.91 4.55 22.58
C CYS A 524 -7.44 5.23 21.30
N ASP A 525 -6.73 6.35 21.46
CA ASP A 525 -5.97 6.96 20.38
C ASP A 525 -4.48 6.84 20.69
N ILE A 526 -3.66 6.68 19.65
CA ILE A 526 -2.23 6.53 19.86
C ILE A 526 -1.51 7.86 19.96
N SER A 527 -2.22 8.97 19.81
CA SER A 527 -1.58 10.28 19.66
C SER A 527 -0.73 10.63 20.87
N ASN A 528 0.32 11.40 20.62
CA ASN A 528 1.28 11.91 21.59
C ASN A 528 2.08 10.82 22.29
N SER A 529 2.00 9.57 21.84
CA SER A 529 2.75 8.46 22.43
C SER A 529 3.85 8.07 21.45
N THR A 530 5.03 8.68 21.62
CA THR A 530 6.15 8.38 20.74
C THR A 530 6.61 6.93 20.89
N GLU A 531 6.30 6.30 22.01
CA GLU A 531 6.66 4.90 22.21
C GLU A 531 5.79 3.95 21.40
N ALA A 532 4.61 4.38 20.97
CA ALA A 532 3.84 3.67 19.98
C ALA A 532 4.21 4.08 18.56
N GLY A 533 5.03 5.12 18.42
CA GLY A 533 5.60 5.46 17.14
C GLY A 533 6.76 4.53 16.82
N GLN A 534 7.70 4.41 17.76
CA GLN A 534 8.76 3.42 17.62
C GLN A 534 8.34 2.07 18.21
N LYS A 535 7.13 1.64 17.83
CA LYS A 535 6.69 0.26 17.97
C LYS A 535 6.00 -0.26 16.73
N LEU A 536 5.41 0.62 15.91
CA LEU A 536 4.90 0.30 14.60
C LEU A 536 5.92 0.59 13.51
N PHE A 537 6.69 1.66 13.67
CA PHE A 537 7.77 1.96 12.72
C PHE A 537 8.82 0.85 12.67
N ASN A 538 8.99 0.10 13.76
CA ASN A 538 9.83 -1.09 13.71
C ASN A 538 9.29 -2.12 12.72
N MET A 539 7.99 -2.09 12.45
CA MET A 539 7.38 -2.90 11.40
C MET A 539 7.23 -2.13 10.10
N LEU A 540 6.96 -0.83 10.15
CA LEU A 540 6.81 -0.05 8.93
C LEU A 540 8.11 0.02 8.15
N ARG A 541 9.25 0.12 8.84
CA ARG A 541 10.54 0.11 8.16
C ARG A 541 10.73 -1.19 7.38
N LEU A 542 10.18 -2.28 7.89
CA LEU A 542 10.28 -3.57 7.22
C LEU A 542 9.19 -3.70 6.17
N GLY A 543 9.60 -3.82 4.90
CA GLY A 543 8.64 -4.04 3.84
C GLY A 543 8.42 -5.53 3.65
N LYS A 544 8.68 -6.04 2.45
CA LYS A 544 8.74 -7.47 2.23
C LYS A 544 10.12 -8.05 2.51
N SER A 545 11.02 -7.24 3.06
CA SER A 545 12.36 -7.72 3.39
C SER A 545 12.31 -8.84 4.40
N GLU A 546 11.49 -8.70 5.43
CA GLU A 546 11.32 -9.73 6.44
C GLU A 546 9.96 -10.38 6.31
N PRO A 547 9.83 -11.63 6.77
CA PRO A 547 8.52 -12.31 6.70
C PRO A 547 7.45 -11.55 7.45
N TRP A 548 6.21 -11.63 6.94
CA TRP A 548 5.11 -10.90 7.55
C TRP A 548 4.85 -11.37 8.97
N THR A 549 5.11 -12.64 9.26
CA THR A 549 5.01 -13.12 10.64
C THR A 549 6.03 -12.43 11.52
N LEU A 550 7.26 -12.25 11.02
CA LEU A 550 8.27 -11.52 11.78
C LEU A 550 7.86 -10.06 11.98
N ALA A 551 7.28 -9.43 10.95
CA ALA A 551 6.81 -8.06 11.10
C ALA A 551 5.71 -7.97 12.15
N LEU A 552 4.77 -8.92 12.12
CA LEU A 552 3.71 -8.96 13.11
C LEU A 552 4.28 -9.13 14.53
N GLU A 553 5.27 -10.00 14.68
CA GLU A 553 5.94 -10.14 15.97
C GLU A 553 6.62 -8.85 16.39
N ASN A 554 7.20 -8.14 15.43
CA ASN A 554 7.85 -6.86 15.74
C ASN A 554 6.84 -5.84 16.25
N VAL A 555 5.67 -5.77 15.64
CA VAL A 555 4.69 -4.75 16.02
C VAL A 555 3.71 -5.26 17.07
N VAL A 556 3.17 -6.47 16.90
CA VAL A 556 2.18 -6.97 17.85
C VAL A 556 2.85 -7.79 18.95
N GLY A 557 3.74 -8.69 18.58
CA GLY A 557 4.37 -9.61 19.51
C GLY A 557 4.01 -11.06 19.30
N ALA A 558 3.03 -11.34 18.46
CA ALA A 558 2.62 -12.71 18.15
C ALA A 558 3.09 -13.12 16.76
N LYS A 559 3.49 -14.39 16.66
CA LYS A 559 3.97 -14.92 15.39
C LYS A 559 2.88 -14.94 14.32
N ASN A 560 1.68 -15.40 14.67
CA ASN A 560 0.59 -15.56 13.73
C ASN A 560 -0.53 -14.58 14.07
N MET A 561 -1.40 -14.36 13.08
CA MET A 561 -2.51 -13.43 13.26
C MET A 561 -3.45 -13.92 14.36
N ASN A 562 -4.00 -12.98 15.10
CA ASN A 562 -4.87 -13.27 16.23
C ASN A 562 -6.16 -12.46 16.09
N VAL A 563 -7.26 -13.05 16.55
CA VAL A 563 -8.56 -12.38 16.50
C VAL A 563 -8.96 -11.83 17.87
N ARG A 564 -8.25 -12.22 18.93
CA ARG A 564 -8.57 -11.71 20.26
C ARG A 564 -8.54 -10.19 20.35
N PRO A 565 -7.56 -9.47 19.78
CA PRO A 565 -7.67 -8.00 19.79
C PRO A 565 -8.92 -7.48 19.12
N LEU A 566 -9.37 -8.14 18.05
CA LEU A 566 -10.64 -7.75 17.43
C LEU A 566 -11.81 -7.96 18.38
N LEU A 567 -11.82 -9.09 19.08
CA LEU A 567 -12.85 -9.34 20.08
C LEU A 567 -12.72 -8.42 21.29
N ASN A 568 -11.49 -8.13 21.72
CA ASN A 568 -11.29 -7.17 22.80
C ASN A 568 -11.74 -5.78 22.41
N TYR A 569 -11.66 -5.44 21.12
CA TYR A 569 -12.22 -4.19 20.64
C TYR A 569 -13.73 -4.14 20.86
N PHE A 570 -14.41 -5.24 20.58
CA PHE A 570 -15.87 -5.31 20.68
C PHE A 570 -16.36 -6.05 21.91
N GLU A 571 -15.53 -6.23 22.95
CA GLU A 571 -16.06 -6.77 24.20
C GLU A 571 -17.15 -5.89 24.79
N PRO A 572 -16.99 -4.56 24.89
CA PRO A 572 -18.17 -3.70 24.96
C PRO A 572 -18.92 -3.82 23.65
N LEU A 573 -20.24 -3.73 23.76
CA LEU A 573 -21.20 -4.08 22.70
C LEU A 573 -21.28 -5.58 22.50
N PHE A 574 -20.30 -6.35 22.98
CA PHE A 574 -20.54 -7.78 23.03
C PHE A 574 -21.38 -8.11 24.26
N THR A 575 -21.02 -7.52 25.40
CA THR A 575 -21.91 -7.59 26.55
C THR A 575 -23.28 -7.01 26.22
N TRP A 576 -23.32 -5.93 25.45
CA TRP A 576 -24.58 -5.28 25.12
C TRP A 576 -25.45 -6.11 24.16
N LEU A 577 -24.86 -6.78 23.17
CA LEU A 577 -25.61 -7.66 22.31
C LEU A 577 -25.98 -8.97 22.99
N LYS A 578 -25.23 -9.40 24.00
CA LYS A 578 -25.68 -10.52 24.82
C LYS A 578 -26.88 -10.13 25.67
N ASP A 579 -26.87 -8.90 26.20
CA ASP A 579 -28.02 -8.42 26.97
C ASP A 579 -29.24 -8.19 26.09
N GLN A 580 -29.04 -7.65 24.89
CA GLN A 580 -30.17 -7.32 24.02
C GLN A 580 -30.86 -8.56 23.49
N ASN A 581 -30.08 -9.58 23.12
CA ASN A 581 -30.61 -10.80 22.53
C ASN A 581 -30.97 -11.85 23.58
N LYS A 582 -31.29 -11.43 24.80
CA LYS A 582 -31.70 -12.39 25.82
C LYS A 582 -33.01 -13.07 25.44
N ASN A 583 -33.85 -12.42 24.65
CA ASN A 583 -35.08 -13.01 24.14
C ASN A 583 -34.93 -13.51 22.71
N SER A 584 -34.18 -12.79 21.87
CA SER A 584 -33.97 -13.22 20.50
C SER A 584 -33.17 -14.51 20.45
N PHE A 585 -33.52 -15.38 19.52
CA PHE A 585 -32.78 -16.63 19.33
C PHE A 585 -31.45 -16.32 18.67
N VAL A 586 -30.36 -16.42 19.42
CA VAL A 586 -29.04 -16.12 18.90
C VAL A 586 -28.62 -17.21 17.93
N GLY A 587 -28.24 -16.82 16.72
CA GLY A 587 -27.88 -17.76 15.69
C GLY A 587 -28.84 -17.73 14.53
N TRP A 588 -28.85 -18.79 13.72
CA TRP A 588 -29.75 -18.87 12.58
C TRP A 588 -29.94 -20.32 12.19
N SER A 589 -30.98 -20.59 11.42
CA SER A 589 -31.25 -21.91 10.88
C SER A 589 -31.05 -21.87 9.37
N THR A 590 -30.13 -22.71 8.88
CA THR A 590 -29.84 -22.73 7.45
C THR A 590 -31.00 -23.26 6.61
N ASP A 591 -31.98 -23.87 7.25
CA ASP A 591 -33.14 -24.37 6.54
C ASP A 591 -34.06 -23.25 6.12
N TRP A 592 -34.16 -22.21 6.95
CA TRP A 592 -35.08 -21.11 6.65
C TRP A 592 -34.86 -20.53 5.27
N SER A 593 -35.95 -20.19 4.58
CA SER A 593 -35.85 -19.59 3.27
C SER A 593 -37.09 -18.75 3.02
N PRO A 594 -36.89 -17.50 2.55
CA PRO A 594 -38.02 -16.63 2.28
C PRO A 594 -39.03 -17.30 1.37
N TYR A 595 -38.56 -17.89 0.28
CA TYR A 595 -39.45 -18.55 -0.67
C TYR A 595 -40.03 -19.84 -0.10
N ALA A 596 -39.45 -20.35 0.97
CA ALA A 596 -39.92 -21.60 1.57
C ALA A 596 -41.26 -21.44 2.24
N ASP A 597 -41.66 -20.21 2.58
CA ASP A 597 -42.99 -19.99 3.12
C ASP A 597 -44.07 -20.38 2.11
N CYS B 1 42.90 30.83 -6.75
CA CYS B 1 41.84 31.13 -5.80
C CYS B 1 40.44 31.04 -6.41
N PRO B 2 40.18 29.97 -7.19
CA PRO B 2 38.88 29.93 -7.84
C PRO B 2 37.83 29.26 -6.97
N PHE B 3 36.87 30.03 -6.50
CA PHE B 3 35.82 29.48 -5.64
C PHE B 3 34.55 30.21 -5.99
N HIS B 4 34.69 31.39 -6.58
CA HIS B 4 33.53 32.11 -7.06
C HIS B 4 33.07 31.32 -8.26
N GLU B 5 33.84 30.34 -8.72
CA GLU B 5 33.45 29.68 -9.97
C GLU B 5 33.32 28.16 -9.95
N VAL B 6 34.36 27.46 -9.52
CA VAL B 6 34.33 25.99 -9.56
C VAL B 6 33.00 25.48 -9.10
N PHE B 7 32.43 26.11 -8.08
CA PHE B 7 31.15 25.67 -7.54
C PHE B 7 29.99 25.93 -8.49
N ASN B 8 30.02 27.05 -9.20
CA ASN B 8 28.88 27.39 -10.04
C ASN B 8 29.15 26.97 -11.46
N ALA B 9 29.75 25.80 -11.63
CA ALA B 9 30.03 25.30 -12.96
C ALA B 9 28.85 24.50 -13.48
N THR B 10 28.20 25.02 -14.52
CA THR B 10 27.09 24.28 -15.12
C THR B 10 27.60 22.93 -15.60
N ARG B 11 26.70 21.97 -15.74
CA ARG B 11 27.11 20.63 -16.15
C ARG B 11 28.27 20.19 -15.28
N PHE B 12 28.01 19.98 -14.00
CA PHE B 12 29.02 19.56 -13.10
C PHE B 12 29.39 18.19 -13.60
N ALA B 13 30.56 17.67 -13.26
CA ALA B 13 30.93 16.41 -13.83
C ALA B 13 30.10 15.47 -13.16
N SER B 14 30.00 14.29 -13.69
CA SER B 14 29.30 13.33 -12.96
C SER B 14 30.27 12.76 -12.01
N VAL B 15 29.81 11.97 -11.10
CA VAL B 15 30.62 11.46 -9.99
C VAL B 15 31.62 10.40 -10.46
N TYR B 16 31.24 9.56 -11.43
CA TYR B 16 32.17 8.57 -11.96
C TYR B 16 33.36 9.23 -12.66
N ALA B 17 33.17 10.39 -13.26
CA ALA B 17 34.20 11.12 -13.98
C ALA B 17 34.38 12.50 -13.36
N TRP B 18 34.50 12.53 -12.04
CA TRP B 18 34.53 13.78 -11.29
C TRP B 18 35.66 14.69 -11.77
N ASN B 19 35.38 15.99 -11.79
CA ASN B 19 36.30 16.98 -12.34
C ASN B 19 37.16 17.54 -11.23
N ARG B 20 38.48 17.43 -11.39
CA ARG B 20 39.43 17.98 -10.44
C ARG B 20 40.10 19.21 -11.02
N THR B 21 40.04 20.31 -10.27
CA THR B 21 40.66 21.56 -10.68
C THR B 21 41.59 22.04 -9.56
N ARG B 22 42.81 22.40 -9.91
CA ARG B 22 43.82 22.76 -8.94
C ARG B 22 43.74 24.25 -8.60
N ILE B 23 43.89 24.55 -7.31
CA ILE B 23 43.92 25.92 -6.82
C ILE B 23 45.36 26.22 -6.41
N SER B 24 45.99 27.15 -7.13
CA SER B 24 47.37 27.51 -6.85
C SER B 24 47.40 28.58 -5.75
N ASN B 25 48.57 29.17 -5.54
CA ASN B 25 48.69 30.24 -4.56
C ASN B 25 48.07 31.51 -5.10
N CYS B 26 47.06 32.03 -4.41
CA CYS B 26 46.33 33.21 -4.84
C CYS B 26 45.89 33.98 -3.60
N VAL B 27 44.91 34.87 -3.76
CA VAL B 27 44.42 35.66 -2.64
C VAL B 27 43.89 34.76 -1.51
N ALA B 28 43.39 33.57 -1.86
CA ALA B 28 42.87 32.61 -0.89
C ALA B 28 41.80 33.25 0.00
N ASP B 29 40.73 33.70 -0.65
CA ASP B 29 39.64 34.37 0.03
C ASP B 29 38.39 33.51 0.00
N TYR B 30 38.56 32.21 0.25
CA TYR B 30 37.46 31.26 0.16
C TYR B 30 36.47 31.37 1.33
N SER B 31 36.70 32.31 2.26
CA SER B 31 35.68 32.60 3.25
C SER B 31 34.39 33.09 2.63
N VAL B 32 34.44 33.52 1.36
CA VAL B 32 33.23 33.95 0.65
C VAL B 32 32.34 32.78 0.28
N LEU B 33 32.84 31.53 0.32
CA LEU B 33 31.96 30.38 0.09
C LEU B 33 30.77 30.35 1.02
N TYR B 34 30.92 30.81 2.25
CA TYR B 34 29.78 30.83 3.17
C TYR B 34 28.64 31.74 2.69
N ASN B 35 28.91 32.65 1.76
CA ASN B 35 27.91 33.58 1.25
C ASN B 35 27.48 33.26 -0.18
N PHE B 36 27.56 31.99 -0.58
CA PHE B 36 27.07 31.56 -1.90
C PHE B 36 25.68 30.96 -1.86
N ALA B 37 25.45 29.95 -1.03
CA ALA B 37 24.17 29.24 -1.02
C ALA B 37 24.01 28.56 0.33
N PRO B 38 22.77 28.25 0.74
CA PRO B 38 22.57 27.47 1.97
C PRO B 38 22.93 26.01 1.77
N PHE B 39 24.21 25.69 1.95
CA PHE B 39 24.72 24.35 1.68
C PHE B 39 23.99 23.30 2.50
N PHE B 40 23.58 22.21 1.84
CA PHE B 40 22.98 21.09 2.55
C PHE B 40 23.98 20.47 3.52
N ALA B 41 25.23 20.29 3.09
CA ALA B 41 26.26 19.74 3.95
C ALA B 41 27.53 20.56 3.80
N PHE B 42 28.08 21.00 4.93
CA PHE B 42 29.35 21.72 4.97
C PHE B 42 30.14 21.12 6.13
N LYS B 43 30.91 20.07 5.83
CA LYS B 43 31.59 19.25 6.83
C LYS B 43 33.10 19.37 6.62
N CYS B 44 33.77 20.13 7.49
CA CYS B 44 35.22 20.29 7.42
C CYS B 44 35.86 19.34 8.43
N TYR B 45 36.49 18.28 7.93
CA TYR B 45 37.03 17.24 8.80
C TYR B 45 38.40 17.61 9.34
N GLY B 46 39.39 17.75 8.44
CA GLY B 46 40.75 18.01 8.89
C GLY B 46 40.98 19.44 9.34
N VAL B 47 40.12 20.36 8.89
CA VAL B 47 40.26 21.77 9.22
C VAL B 47 38.95 22.23 9.88
N SER B 48 39.03 23.35 10.60
CA SER B 48 37.79 23.81 11.21
C SER B 48 37.14 24.91 10.37
N PRO B 49 35.81 24.96 10.33
CA PRO B 49 35.14 26.01 9.56
C PRO B 49 35.46 27.42 10.04
N THR B 50 35.81 27.59 11.32
CA THR B 50 36.23 28.91 11.81
C THR B 50 37.70 29.18 11.52
N LYS B 51 38.48 28.15 11.23
CA LYS B 51 39.92 28.30 11.00
C LYS B 51 40.28 28.29 9.52
N LEU B 52 39.30 28.43 8.62
CA LEU B 52 39.57 28.38 7.19
C LEU B 52 40.47 29.54 6.73
N ASN B 53 40.14 30.76 7.15
CA ASN B 53 40.82 31.93 6.61
C ASN B 53 42.26 32.01 7.11
N ASP B 54 42.46 31.86 8.43
CA ASP B 54 43.78 32.08 8.99
C ASP B 54 44.76 30.95 8.63
N LEU B 55 44.29 29.71 8.63
CA LEU B 55 45.16 28.59 8.30
C LEU B 55 45.54 28.63 6.81
N CYS B 56 46.78 28.30 6.53
CA CYS B 56 47.32 28.32 5.17
C CYS B 56 47.81 26.95 4.76
N PHE B 57 47.67 26.64 3.47
CA PHE B 57 48.15 25.38 2.92
C PHE B 57 49.02 25.65 1.69
N THR B 58 49.43 24.60 0.99
CA THR B 58 50.26 24.76 -0.20
C THR B 58 49.52 24.52 -1.51
N ASN B 59 48.78 23.42 -1.62
CA ASN B 59 48.05 23.16 -2.86
C ASN B 59 46.65 22.68 -2.55
N VAL B 60 45.70 23.10 -3.38
CA VAL B 60 44.28 22.83 -3.19
C VAL B 60 43.69 22.34 -4.51
N TYR B 61 42.84 21.31 -4.42
CA TYR B 61 42.11 20.77 -5.56
C TYR B 61 40.62 20.92 -5.30
N ALA B 62 39.86 21.26 -6.35
CA ALA B 62 38.41 21.41 -6.24
C ALA B 62 37.74 20.25 -6.98
N ASP B 63 37.53 19.16 -6.26
CA ASP B 63 36.85 18.00 -6.84
C ASP B 63 35.35 18.23 -6.85
N SER B 64 34.75 18.22 -8.03
CA SER B 64 33.34 18.54 -8.21
C SER B 64 32.62 17.41 -8.92
N PHE B 65 31.35 17.20 -8.55
CA PHE B 65 30.52 16.17 -9.16
C PHE B 65 29.08 16.39 -8.68
N VAL B 66 28.19 15.49 -9.09
CA VAL B 66 26.78 15.54 -8.73
C VAL B 66 26.33 14.16 -8.27
N ILE B 67 25.67 14.11 -7.12
CA ILE B 67 25.19 12.87 -6.53
C ILE B 67 23.76 13.08 -6.04
N LYS B 68 23.20 12.08 -5.35
CA LYS B 68 21.89 12.27 -4.74
C LYS B 68 22.03 12.73 -3.30
N GLY B 69 20.88 12.99 -2.67
CA GLY B 69 20.87 13.35 -1.27
C GLY B 69 21.14 12.18 -0.35
N ASN B 70 20.65 10.99 -0.71
CA ASN B 70 20.97 9.77 0.03
C ASN B 70 22.40 9.33 -0.15
N GLU B 71 23.24 10.13 -0.83
CA GLU B 71 24.59 9.75 -1.17
C GLU B 71 25.60 10.85 -0.83
N VAL B 72 25.15 11.96 -0.27
CA VAL B 72 26.07 13.01 0.17
C VAL B 72 26.90 12.53 1.35
N SER B 73 26.27 11.81 2.29
CA SER B 73 26.98 11.31 3.46
C SER B 73 28.08 10.33 3.06
N GLN B 74 27.93 9.67 1.90
CA GLN B 74 28.95 8.74 1.42
C GLN B 74 30.26 9.44 1.09
N ILE B 75 30.24 10.76 0.92
CA ILE B 75 31.47 11.53 0.65
C ILE B 75 32.04 11.89 2.02
N ALA B 76 32.80 10.95 2.59
CA ALA B 76 33.39 11.10 3.91
C ALA B 76 34.50 10.07 4.08
N PRO B 77 35.48 10.32 4.97
CA PRO B 77 36.48 9.29 5.25
C PRO B 77 35.86 7.99 5.72
N GLY B 78 36.03 6.92 4.96
CA GLY B 78 35.29 5.70 5.20
C GLY B 78 33.92 5.78 4.58
N GLN B 79 32.90 5.35 5.33
CA GLN B 79 31.50 5.47 4.93
C GLN B 79 31.26 4.79 3.58
N THR B 80 31.39 3.46 3.54
CA THR B 80 31.26 2.74 2.27
C THR B 80 29.99 3.04 1.45
N GLY B 81 29.98 2.70 0.17
CA GLY B 81 28.75 2.86 -0.60
C GLY B 81 28.88 2.48 -2.05
N ASN B 82 28.57 3.40 -2.93
CA ASN B 82 28.76 3.16 -4.35
C ASN B 82 29.42 4.42 -4.77
N ILE B 83 29.08 5.51 -4.10
CA ILE B 83 29.72 6.77 -4.38
C ILE B 83 31.08 6.77 -3.72
N ALA B 84 31.24 5.99 -2.65
CA ALA B 84 32.58 5.92 -2.07
C ALA B 84 33.35 4.68 -2.49
N ASP B 85 32.65 3.56 -2.73
CA ASP B 85 33.33 2.32 -3.11
C ASP B 85 33.83 2.38 -4.54
N TYR B 86 33.04 2.95 -5.46
CA TYR B 86 33.30 2.81 -6.88
C TYR B 86 33.42 4.14 -7.62
N ASN B 87 33.01 5.26 -7.04
CA ASN B 87 33.00 6.53 -7.76
C ASN B 87 33.95 7.56 -7.15
N TYR B 88 33.85 7.83 -5.85
CA TYR B 88 34.69 8.86 -5.23
C TYR B 88 35.01 8.42 -3.80
N LYS B 89 36.22 7.90 -3.60
CA LYS B 89 36.67 7.44 -2.30
C LYS B 89 37.49 8.53 -1.63
N LEU B 90 37.13 8.85 -0.38
CA LEU B 90 37.86 9.84 0.41
C LEU B 90 38.84 9.15 1.34
N PRO B 91 40.10 9.59 1.40
CA PRO B 91 41.06 8.96 2.32
C PRO B 91 40.63 9.14 3.77
N ASP B 92 40.99 8.17 4.60
CA ASP B 92 40.66 8.25 6.02
C ASP B 92 41.34 9.43 6.69
N ASP B 93 42.47 9.88 6.14
CA ASP B 93 43.17 11.06 6.63
C ASP B 93 42.81 12.32 5.86
N PHE B 94 41.58 12.40 5.35
CA PHE B 94 41.15 13.56 4.59
C PHE B 94 41.23 14.82 5.44
N THR B 95 41.79 15.89 4.87
CA THR B 95 42.00 17.13 5.60
C THR B 95 41.19 18.30 5.08
N GLY B 96 40.60 18.18 3.88
CA GLY B 96 39.79 19.25 3.34
C GLY B 96 38.38 19.26 3.89
N CYS B 97 37.48 19.98 3.21
CA CYS B 97 36.08 20.04 3.59
C CYS B 97 35.23 19.28 2.58
N VAL B 98 33.95 19.14 2.91
CA VAL B 98 32.95 18.55 2.03
C VAL B 98 31.81 19.56 1.93
N ILE B 99 31.55 20.03 0.72
CA ILE B 99 30.54 21.05 0.45
C ILE B 99 29.56 20.50 -0.57
N ALA B 100 28.35 20.20 -0.14
CA ALA B 100 27.29 19.70 -1.01
C ALA B 100 26.06 20.57 -0.86
N TRP B 101 25.49 20.99 -1.99
CA TRP B 101 24.28 21.80 -1.96
C TRP B 101 23.29 21.29 -3.01
N ASN B 102 22.01 21.41 -2.69
CA ASN B 102 20.96 20.92 -3.57
C ASN B 102 20.96 21.71 -4.88
N SER B 103 20.60 21.02 -5.96
CA SER B 103 20.50 21.65 -7.27
C SER B 103 19.38 20.96 -8.02
N ASN B 104 18.26 20.69 -7.33
CA ASN B 104 17.14 19.97 -7.94
C ASN B 104 16.47 20.67 -9.12
N LYS B 105 16.92 21.87 -9.43
CA LYS B 105 16.38 22.53 -10.61
C LYS B 105 17.51 22.76 -11.57
N LEU B 106 18.60 23.31 -11.05
CA LEU B 106 19.76 23.52 -11.88
C LEU B 106 20.11 22.24 -12.61
N ASP B 107 19.79 21.10 -12.01
CA ASP B 107 20.21 19.79 -12.62
C ASP B 107 19.11 18.79 -12.55
N SER B 108 17.97 19.12 -13.00
CA SER B 108 16.83 18.22 -13.12
C SER B 108 16.01 18.58 -14.36
N LYS B 109 15.36 17.57 -14.93
CA LYS B 109 14.45 17.76 -16.05
C LYS B 109 13.19 16.95 -15.79
N HIS B 110 12.06 17.46 -16.27
CA HIS B 110 10.80 16.75 -16.09
C HIS B 110 10.78 15.43 -16.84
N SER B 111 11.39 15.38 -18.01
CA SER B 111 11.48 14.15 -18.79
C SER B 111 12.60 13.23 -18.34
N GLY B 112 13.50 13.71 -17.47
CA GLY B 112 14.58 12.89 -16.97
C GLY B 112 15.95 13.42 -17.31
N ASN B 113 16.79 13.64 -16.30
CA ASN B 113 18.16 14.08 -16.51
C ASN B 113 19.09 12.87 -16.57
N TYR B 114 19.03 12.18 -17.71
CA TYR B 114 19.89 11.03 -17.94
C TYR B 114 21.25 11.50 -18.42
N ASP B 115 21.89 12.39 -17.66
CA ASP B 115 23.17 12.97 -18.05
C ASP B 115 24.22 12.79 -16.97
N TYR B 116 23.82 12.61 -15.71
CA TYR B 116 24.75 12.42 -14.60
C TYR B 116 24.84 10.93 -14.32
N TRP B 117 26.01 10.35 -14.54
CA TRP B 117 26.21 8.91 -14.44
C TRP B 117 26.97 8.57 -13.17
N TYR B 118 26.58 7.47 -12.55
CA TYR B 118 27.32 6.93 -11.42
C TYR B 118 27.59 5.45 -11.67
N ARG B 119 28.79 5.01 -11.32
CA ARG B 119 29.20 3.62 -11.55
C ARG B 119 28.67 2.76 -10.41
N SER B 120 27.75 1.85 -10.73
CA SER B 120 27.19 0.97 -9.71
C SER B 120 28.00 -0.33 -9.56
N PHE B 121 28.72 -0.74 -10.60
CA PHE B 121 29.44 -2.00 -10.59
C PHE B 121 30.91 -1.76 -10.90
N ARG B 122 31.78 -2.48 -10.19
CA ARG B 122 33.22 -2.40 -10.43
C ARG B 122 33.87 -3.59 -9.78
N LYS B 123 35.03 -3.98 -10.31
CA LYS B 123 35.74 -5.14 -9.80
C LYS B 123 36.24 -4.90 -8.38
N SER B 124 37.11 -3.90 -8.22
CA SER B 124 37.65 -3.55 -6.91
C SER B 124 37.14 -2.19 -6.48
N LYS B 125 37.13 -1.97 -5.16
CA LYS B 125 36.76 -0.69 -4.60
C LYS B 125 37.85 0.34 -4.86
N LEU B 126 37.43 1.58 -5.10
CA LEU B 126 38.37 2.62 -5.46
C LEU B 126 39.30 2.95 -4.30
N LYS B 127 40.59 3.12 -4.62
CA LYS B 127 41.53 3.65 -3.66
C LYS B 127 41.26 5.14 -3.46
N PRO B 128 41.73 5.71 -2.35
CA PRO B 128 41.50 7.15 -2.11
C PRO B 128 42.03 8.00 -3.25
N PHE B 129 41.21 8.97 -3.66
CA PHE B 129 41.56 9.91 -4.74
C PHE B 129 41.95 9.19 -6.02
N GLU B 130 41.12 8.22 -6.41
CA GLU B 130 41.30 7.48 -7.65
C GLU B 130 40.14 7.77 -8.59
N ARG B 131 40.46 7.91 -9.88
CA ARG B 131 39.48 8.16 -10.93
C ARG B 131 39.45 6.96 -11.86
N ASP B 132 38.24 6.54 -12.24
CA ASP B 132 38.02 5.34 -13.05
C ASP B 132 37.21 5.65 -14.31
N ILE B 133 37.64 6.66 -15.07
CA ILE B 133 36.98 7.12 -16.29
C ILE B 133 36.60 5.95 -17.19
N SER B 134 37.42 4.89 -17.17
CA SER B 134 37.20 3.71 -18.01
C SER B 134 35.76 3.21 -17.91
N THR B 135 35.21 2.84 -19.07
CA THR B 135 33.80 2.46 -19.18
C THR B 135 33.61 1.09 -19.84
N GLU B 136 34.64 0.25 -19.83
CA GLU B 136 34.51 -1.09 -20.41
C GLU B 136 33.50 -1.92 -19.62
N ILE B 137 32.79 -2.79 -20.34
CA ILE B 137 31.69 -3.58 -19.80
C ILE B 137 32.15 -4.34 -18.56
N TYR B 138 31.28 -4.40 -17.55
CA TYR B 138 31.61 -5.13 -16.34
C TYR B 138 31.19 -6.58 -16.50
N GLN B 139 31.91 -7.49 -15.84
CA GLN B 139 31.59 -8.91 -15.98
C GLN B 139 30.40 -9.30 -15.11
N ALA B 140 30.36 -8.80 -13.88
CA ALA B 140 29.27 -9.15 -12.97
C ALA B 140 28.91 -10.61 -13.14
N GLY B 141 29.91 -11.47 -13.18
CA GLY B 141 29.68 -12.90 -13.39
C GLY B 141 30.96 -13.45 -13.98
N ASN B 142 30.90 -14.75 -14.25
CA ASN B 142 32.07 -15.46 -14.70
C ASN B 142 32.20 -16.14 -16.12
N LYS B 143 31.45 -15.74 -17.14
CA LYS B 143 31.65 -16.23 -18.50
C LYS B 143 32.04 -15.01 -19.15
N PRO B 144 33.31 -14.85 -19.33
CA PRO B 144 33.80 -13.69 -20.01
C PRO B 144 32.92 -13.35 -21.19
N CYS B 145 32.76 -12.07 -21.53
CA CYS B 145 31.84 -11.71 -22.58
C CYS B 145 32.25 -10.79 -23.72
N LYS B 146 31.28 -10.38 -24.52
CA LYS B 146 31.56 -9.32 -25.45
C LYS B 146 30.57 -8.16 -25.37
N GLY B 147 29.34 -8.40 -24.91
CA GLY B 147 28.35 -7.35 -24.78
C GLY B 147 27.33 -7.64 -23.70
N LYS B 148 26.60 -6.61 -23.29
CA LYS B 148 25.63 -6.76 -22.21
C LYS B 148 24.48 -7.68 -22.63
N GLY B 149 23.77 -8.19 -21.64
CA GLY B 149 22.67 -9.11 -21.86
C GLY B 149 22.78 -10.35 -21.00
N PRO B 150 23.99 -10.91 -20.89
CA PRO B 150 24.26 -11.88 -19.83
C PRO B 150 24.60 -11.18 -18.52
N ASN B 151 25.06 -11.94 -17.52
CA ASN B 151 25.52 -11.34 -16.26
C ASN B 151 26.47 -10.18 -16.46
N CYS B 152 27.14 -10.10 -17.61
CA CYS B 152 27.95 -8.93 -17.93
C CYS B 152 27.06 -7.69 -18.01
N TYR B 153 27.51 -6.61 -17.37
CA TYR B 153 26.71 -5.40 -17.24
C TYR B 153 27.54 -4.18 -17.61
N PHE B 154 26.84 -3.12 -18.00
CA PHE B 154 27.48 -1.83 -18.25
C PHE B 154 27.88 -1.20 -16.91
N PRO B 155 29.16 -0.87 -16.70
CA PRO B 155 29.59 -0.39 -15.38
C PRO B 155 28.89 0.89 -14.95
N LEU B 156 28.62 1.81 -15.86
CA LEU B 156 28.03 3.08 -15.51
C LEU B 156 26.52 2.95 -15.34
N GLN B 157 25.93 3.94 -14.68
CA GLN B 157 24.50 3.96 -14.45
C GLN B 157 24.04 5.40 -14.32
N SER B 158 22.96 5.75 -15.01
CA SER B 158 22.44 7.09 -14.99
C SER B 158 21.82 7.40 -13.62
N TYR B 159 21.50 8.67 -13.40
CA TYR B 159 20.81 9.08 -12.19
C TYR B 159 19.31 9.27 -12.36
N GLY B 160 18.87 9.72 -13.54
CA GLY B 160 17.45 9.90 -13.77
C GLY B 160 16.82 10.99 -12.93
N PHE B 161 17.52 12.11 -12.78
CA PHE B 161 17.04 13.19 -11.92
C PHE B 161 15.76 13.81 -12.46
N ARG B 162 14.78 13.97 -11.61
CA ARG B 162 13.55 14.54 -12.09
C ARG B 162 13.56 15.95 -11.57
N PRO B 163 12.75 16.82 -12.20
CA PRO B 163 12.72 18.15 -11.59
C PRO B 163 12.14 17.91 -10.23
N THR B 164 11.60 16.70 -10.05
CA THR B 164 11.01 16.37 -8.79
C THR B 164 11.35 15.01 -8.24
N TYR B 165 11.98 15.01 -7.06
CA TYR B 165 12.36 13.76 -6.43
C TYR B 165 12.53 13.99 -4.95
N GLY B 166 12.64 12.91 -4.18
CA GLY B 166 12.91 13.06 -2.76
C GLY B 166 14.16 13.89 -2.59
N VAL B 167 14.26 14.65 -1.52
CA VAL B 167 15.47 15.41 -1.26
C VAL B 167 16.68 14.50 -1.41
N GLY B 168 16.64 13.35 -0.75
CA GLY B 168 17.75 12.42 -0.83
C GLY B 168 17.89 11.81 -2.21
N HIS B 169 16.95 12.12 -3.09
CA HIS B 169 17.03 11.63 -4.46
C HIS B 169 17.34 12.80 -5.37
N GLN B 170 17.18 14.01 -4.85
CA GLN B 170 17.40 15.17 -5.71
C GLN B 170 18.87 15.31 -6.06
N PRO B 171 19.18 15.96 -7.18
CA PRO B 171 20.59 16.23 -7.49
C PRO B 171 21.24 17.13 -6.46
N TYR B 172 22.51 16.88 -6.22
CA TYR B 172 23.30 17.65 -5.26
C TYR B 172 24.68 17.87 -5.84
N ARG B 173 25.08 19.13 -5.96
CA ARG B 173 26.39 19.50 -6.46
C ARG B 173 27.38 19.51 -5.31
N VAL B 174 28.50 18.81 -5.49
CA VAL B 174 29.48 18.69 -4.42
C VAL B 174 30.88 19.06 -4.88
N VAL B 175 31.28 20.30 -4.62
CA VAL B 175 32.64 20.72 -4.99
C VAL B 175 33.57 20.48 -3.82
N VAL B 176 33.90 19.22 -3.57
CA VAL B 176 34.81 18.88 -2.48
C VAL B 176 36.17 19.53 -2.70
N LEU B 177 36.91 19.74 -1.61
CA LEU B 177 38.22 20.36 -1.72
C LEU B 177 39.30 19.44 -1.21
N SER B 178 40.51 19.57 -1.75
CA SER B 178 41.61 18.69 -1.36
C SER B 178 42.86 19.48 -0.98
N PHE B 179 43.17 19.52 0.31
CA PHE B 179 44.37 20.21 0.76
C PHE B 179 45.55 19.25 0.79
N GLU B 180 46.70 19.72 0.32
CA GLU B 180 47.93 18.94 0.47
C GLU B 180 49.12 19.89 0.58
N LEU B 181 50.15 19.43 1.30
CA LEU B 181 51.37 20.19 1.53
C LEU B 181 52.57 19.40 1.03
N LEU B 182 53.53 20.11 0.45
CA LEU B 182 54.74 19.47 -0.07
C LEU B 182 55.78 19.29 1.02
#